data_5EPH
#
_entry.id   5EPH
#
_cell.length_a   53.980
_cell.length_b   95.860
_cell.length_c   103.420
_cell.angle_alpha   90.00
_cell.angle_beta   91.97
_cell.angle_gamma   90.00
#
_symmetry.space_group_name_H-M   'P 1 21 1'
#
loop_
_entity.id
_entity.type
_entity.pdbx_description
1 polymer Beta-lactamase
2 non-polymer 'CHLORIDE ION'
3 non-polymer Imipenem
4 non-polymer (4R)-2-METHYLPENTANE-2,4-DIOL
5 water water
#
_entity_poly.entity_id   1
_entity_poly.type   'polypeptide(L)'
_entity_poly.pdbx_seq_one_letter_code
;QADFEHAISDLEAHNQAKIGVALVSENGNLIQGYRANERFAMCSTFKLPLAALVLSRIDAGEENPERKLHYDSAFLEEYA
PAAKRYVATGYMTVTEAIQSALQLSDNAAANLLLKEVGGPPLLTKYFRSLGDKVSRLDRIEPTLNTNTPGDERDTTTPMS
MAQTVSKLIFGDTLTYKSKGQLRRLLIGNQTGDKTIRAGLPDSWVTGDKTGSCANGGRNDVAFFITTAGKKYVLSVYTNA
PELQGEERALLIASVAKLARQYVVH
;
_entity_poly.pdbx_strand_id   A,B,C,D
#
loop_
_chem_comp.id
_chem_comp.type
_chem_comp.name
_chem_comp.formula
CL non-polymer 'CHLORIDE ION' 'Cl -1'
ID1 non-polymer Imipenem 'C12 H19 N3 O4 S'
MRD non-polymer (4R)-2-METHYLPENTANE-2,4-DIOL 'C6 H14 O2'
#
# COMPACT_ATOMS: atom_id res chain seq x y z
N ASP A 3 15.17 -0.75 -16.83
CA ASP A 3 13.92 -0.38 -16.13
C ASP A 3 12.79 -1.40 -16.37
N PHE A 4 11.70 -1.18 -15.65
CA PHE A 4 10.61 -2.14 -15.58
C PHE A 4 9.99 -2.33 -16.99
N GLU A 5 9.74 -1.21 -17.65
CA GLU A 5 9.06 -1.29 -18.94
C GLU A 5 9.94 -2.04 -19.95
N HIS A 6 11.25 -1.82 -19.97
CA HIS A 6 12.19 -2.55 -20.87
C HIS A 6 12.30 -4.03 -20.55
N ALA A 7 12.32 -4.34 -19.25
CA ALA A 7 12.33 -5.72 -18.78
C ALA A 7 11.08 -6.50 -19.18
N ILE A 8 9.88 -5.89 -19.12
CA ILE A 8 8.69 -6.62 -19.46
C ILE A 8 8.65 -6.76 -20.97
N SER A 9 9.08 -5.68 -21.68
CA SER A 9 9.15 -5.77 -23.14
C SER A 9 10.03 -6.94 -23.62
N ASP A 10 11.21 -7.07 -23.03
CA ASP A 10 12.15 -8.21 -23.25
C ASP A 10 11.46 -9.55 -23.03
N LEU A 11 10.66 -9.63 -21.96
CA LEU A 11 9.85 -10.83 -21.72
C LEU A 11 8.83 -11.08 -22.80
N GLU A 12 8.11 -10.04 -23.26
CA GLU A 12 7.20 -10.22 -24.37
C GLU A 12 7.93 -10.78 -25.61
N ALA A 13 9.06 -10.21 -25.93
CA ALA A 13 9.71 -10.57 -27.19
C ALA A 13 10.29 -11.96 -27.15
N HIS A 14 10.93 -12.31 -26.03
CA HIS A 14 11.47 -13.65 -25.82
C HIS A 14 10.39 -14.79 -25.82
N ASN A 15 9.17 -14.50 -25.36
CA ASN A 15 8.11 -15.48 -25.19
C ASN A 15 6.99 -15.37 -26.20
N GLN A 16 7.15 -14.49 -27.16
CA GLN A 16 6.12 -14.15 -28.12
C GLN A 16 4.78 -13.99 -27.40
N ALA A 17 4.81 -13.15 -26.37
CA ALA A 17 3.64 -12.94 -25.51
C ALA A 17 3.24 -11.50 -25.37
N LYS A 18 1.98 -11.27 -25.03
CA LYS A 18 1.55 -9.96 -24.59
C LYS A 18 1.40 -9.99 -23.08
N ILE A 19 1.99 -9.03 -22.39
CA ILE A 19 1.99 -8.98 -20.93
C ILE A 19 1.44 -7.62 -20.51
N GLY A 20 0.50 -7.64 -19.60
CA GLY A 20 -0.01 -6.40 -18.94
C GLY A 20 0.12 -6.57 -17.45
N VAL A 21 0.63 -5.54 -16.78
CA VAL A 21 0.94 -5.68 -15.37
C VAL A 21 0.84 -4.36 -14.66
N ALA A 22 0.28 -4.42 -13.46
CA ALA A 22 0.30 -3.30 -12.59
C ALA A 22 0.64 -3.70 -11.18
N LEU A 23 1.60 -3.01 -10.63
CA LEU A 23 1.91 -3.12 -9.20
C LEU A 23 1.49 -1.76 -8.55
N VAL A 24 0.66 -1.92 -7.56
CA VAL A 24 0.05 -0.80 -6.83
C VAL A 24 0.33 -0.91 -5.34
N SER A 25 0.28 0.24 -4.68
CA SER A 25 0.41 0.36 -3.23
C SER A 25 -0.87 -0.11 -2.51
N GLU A 26 -0.79 -0.09 -1.19
CA GLU A 26 -1.89 -0.49 -0.33
C GLU A 26 -3.16 0.29 -0.69
N ASN A 27 -2.98 1.57 -1.03
CA ASN A 27 -4.09 2.45 -1.37
C ASN A 27 -4.43 2.58 -2.84
N GLY A 28 -3.88 1.67 -3.66
CA GLY A 28 -4.17 1.63 -5.09
C GLY A 28 -3.29 2.45 -6.01
N ASN A 29 -2.27 3.10 -5.48
CA ASN A 29 -1.50 4.03 -6.28
C ASN A 29 -0.49 3.28 -7.11
N LEU A 30 -0.35 3.64 -8.38
CA LEU A 30 0.57 2.87 -9.24
C LEU A 30 2.03 3.04 -8.86
N ILE A 31 2.72 1.93 -8.74
CA ILE A 31 4.16 1.91 -8.51
C ILE A 31 4.91 1.60 -9.80
N GLN A 32 4.52 0.57 -10.54
CA GLN A 32 5.09 0.32 -11.85
C GLN A 32 4.00 -0.34 -12.66
N GLY A 33 4.08 -0.20 -13.96
CA GLY A 33 3.16 -0.92 -14.83
C GLY A 33 3.69 -0.99 -16.22
N TYR A 34 2.98 -1.76 -17.02
CA TYR A 34 3.34 -2.05 -18.42
C TYR A 34 2.11 -2.52 -19.07
N ARG A 35 1.71 -1.84 -20.13
CA ARG A 35 0.36 -2.02 -20.71
C ARG A 35 -0.76 -1.96 -19.64
N ALA A 36 -0.55 -1.11 -18.67
CA ALA A 36 -1.40 -1.12 -17.51
C ALA A 36 -2.84 -0.67 -17.74
N ASN A 37 -3.02 0.13 -18.80
CA ASN A 37 -4.38 0.58 -19.18
C ASN A 37 -4.93 -0.07 -20.44
N GLU A 38 -4.30 -1.17 -20.89
CA GLU A 38 -4.88 -1.96 -22.00
C GLU A 38 -5.85 -3.05 -21.46
N ARG A 39 -6.88 -3.31 -22.24
CA ARG A 39 -7.91 -4.33 -21.91
C ARG A 39 -7.38 -5.75 -22.11
N PHE A 40 -7.75 -6.63 -21.16
CA PHE A 40 -7.55 -8.04 -21.32
C PHE A 40 -8.82 -8.74 -20.88
N ALA A 41 -9.00 -9.93 -21.38
CA ALA A 41 -10.14 -10.71 -20.97
C ALA A 41 -10.04 -11.14 -19.49
N MET A 42 -11.13 -10.87 -18.78
CA MET A 42 -11.23 -11.11 -17.37
C MET A 42 -12.03 -12.45 -17.12
N CYS A 43 -11.63 -13.54 -17.75
CA CYS A 43 -12.48 -14.74 -17.75
C CYS A 43 -12.64 -15.48 -16.42
N SER A 44 -11.76 -15.22 -15.46
CA SER A 44 -11.82 -15.89 -14.16
C SER A 44 -11.59 -14.93 -12.98
N THR A 45 -10.79 -13.88 -13.17
CA THR A 45 -10.41 -13.05 -12.01
C THR A 45 -11.58 -12.17 -11.57
N PHE A 46 -12.58 -12.03 -12.42
CA PHE A 46 -13.87 -11.39 -11.96
C PHE A 46 -14.42 -12.06 -10.68
N LYS A 47 -14.03 -13.31 -10.38
CA LYS A 47 -14.61 -14.00 -9.23
C LYS A 47 -14.22 -13.40 -7.91
N LEU A 48 -13.09 -12.67 -7.89
CA LEU A 48 -12.60 -12.03 -6.68
C LEU A 48 -13.56 -10.85 -6.34
N PRO A 49 -13.68 -9.91 -7.22
CA PRO A 49 -14.71 -8.87 -6.91
C PRO A 49 -16.13 -9.46 -6.72
N LEU A 50 -16.46 -10.52 -7.46
CA LEU A 50 -17.75 -11.22 -7.22
C LEU A 50 -17.91 -11.74 -5.79
N ALA A 51 -16.91 -12.44 -5.27
CA ALA A 51 -16.94 -12.86 -3.89
C ALA A 51 -17.11 -11.64 -2.94
N ALA A 52 -16.40 -10.55 -3.20
CA ALA A 52 -16.52 -9.40 -2.33
C ALA A 52 -17.93 -8.80 -2.35
N LEU A 53 -18.55 -8.77 -3.53
CA LEU A 53 -19.97 -8.29 -3.62
C LEU A 53 -20.87 -9.16 -2.75
N VAL A 54 -20.69 -10.48 -2.81
CA VAL A 54 -21.52 -11.38 -2.05
C VAL A 54 -21.29 -11.12 -0.54
N LEU A 55 -20.01 -11.01 -0.12
CA LEU A 55 -19.70 -10.66 1.29
C LEU A 55 -20.32 -9.33 1.66
N SER A 56 -20.35 -8.40 0.72
CA SER A 56 -20.91 -7.09 1.09
C SER A 56 -22.44 -7.14 1.23
N ARG A 57 -23.08 -8.02 0.49
CA ARG A 57 -24.50 -8.30 0.68
C ARG A 57 -24.77 -8.92 2.04
N ILE A 58 -23.88 -9.83 2.46
CA ILE A 58 -23.95 -10.40 3.79
C ILE A 58 -23.81 -9.31 4.84
N ASP A 59 -22.83 -8.42 4.66
CA ASP A 59 -22.54 -7.30 5.56
C ASP A 59 -23.82 -6.44 5.76
N ALA A 60 -24.54 -6.23 4.66
CA ALA A 60 -25.74 -5.36 4.63
C ALA A 60 -27.00 -6.04 5.10
N GLY A 61 -26.90 -7.30 5.53
CA GLY A 61 -28.08 -8.13 5.90
C GLY A 61 -28.98 -8.61 4.77
N GLU A 62 -28.49 -8.56 3.53
CA GLU A 62 -29.27 -8.96 2.35
C GLU A 62 -28.98 -10.41 1.99
N GLU A 63 -28.07 -11.07 2.71
CA GLU A 63 -27.71 -12.45 2.41
C GLU A 63 -27.11 -12.99 3.68
N ASN A 64 -27.08 -14.30 3.82
CA ASN A 64 -26.25 -14.88 4.87
C ASN A 64 -25.48 -16.12 4.43
N PRO A 65 -24.44 -16.48 5.18
CA PRO A 65 -23.49 -17.45 4.66
C PRO A 65 -24.03 -18.85 4.46
N GLU A 66 -25.02 -19.24 5.28
CA GLU A 66 -25.57 -20.59 5.25
C GLU A 66 -26.72 -20.79 4.24
N ARG A 67 -27.13 -19.73 3.56
CA ARG A 67 -28.17 -19.78 2.61
C ARG A 67 -27.84 -20.77 1.49
N LYS A 68 -28.81 -21.64 1.21
CA LYS A 68 -28.71 -22.70 0.19
C LYS A 68 -29.01 -22.21 -1.23
N LEU A 69 -28.05 -22.40 -2.12
CA LEU A 69 -28.16 -22.01 -3.50
C LEU A 69 -28.41 -23.29 -4.28
N HIS A 70 -29.67 -23.42 -4.68
CA HIS A 70 -30.15 -24.63 -5.30
C HIS A 70 -29.81 -24.70 -6.76
N TYR A 71 -29.50 -25.91 -7.22
CA TYR A 71 -29.14 -26.16 -8.60
C TYR A 71 -29.12 -27.66 -8.88
N ASP A 72 -29.18 -28.01 -10.16
CA ASP A 72 -29.20 -29.37 -10.57
C ASP A 72 -28.15 -29.63 -11.65
N SER A 73 -28.08 -30.84 -12.16
CA SER A 73 -26.99 -31.19 -13.09
C SER A 73 -26.91 -30.36 -14.35
N ALA A 74 -28.05 -29.85 -14.83
CA ALA A 74 -28.06 -29.03 -16.02
C ALA A 74 -27.21 -27.76 -15.80
N PHE A 75 -27.09 -27.33 -14.54
CA PHE A 75 -26.40 -26.11 -14.18
C PHE A 75 -24.87 -26.32 -14.11
N LEU A 76 -24.43 -27.56 -14.16
CA LEU A 76 -23.02 -27.85 -14.12
C LEU A 76 -22.29 -27.26 -15.33
N GLU A 77 -20.99 -27.00 -15.19
CA GLU A 77 -20.14 -26.59 -16.32
C GLU A 77 -19.03 -27.61 -16.44
N GLU A 78 -18.19 -27.48 -17.48
CA GLU A 78 -17.18 -28.49 -17.76
CA GLU A 78 -17.17 -28.49 -17.75
C GLU A 78 -16.10 -28.53 -16.67
N TYR A 79 -15.71 -27.34 -16.19
CA TYR A 79 -14.76 -27.20 -15.05
C TYR A 79 -15.57 -26.72 -13.87
N ALA A 80 -16.00 -27.67 -13.05
CA ALA A 80 -16.75 -27.38 -11.86
C ALA A 80 -16.52 -28.48 -10.84
N PRO A 81 -15.28 -28.58 -10.33
CA PRO A 81 -14.98 -29.78 -9.48
C PRO A 81 -15.80 -29.92 -8.18
N ALA A 82 -16.05 -28.82 -7.51
CA ALA A 82 -16.82 -28.81 -6.28
C ALA A 82 -18.29 -28.93 -6.56
N ALA A 83 -18.78 -28.15 -7.53
CA ALA A 83 -20.21 -28.26 -7.84
C ALA A 83 -20.64 -29.69 -8.25
N LYS A 84 -19.78 -30.41 -8.98
CA LYS A 84 -20.07 -31.81 -9.38
C LYS A 84 -20.17 -32.75 -8.19
N ARG A 85 -19.35 -32.52 -7.18
CA ARG A 85 -19.49 -33.28 -5.93
C ARG A 85 -20.74 -33.00 -5.10
N TYR A 86 -21.17 -31.74 -5.08
CA TYR A 86 -22.33 -31.38 -4.28
C TYR A 86 -23.69 -31.49 -5.01
N VAL A 87 -23.70 -31.71 -6.32
CA VAL A 87 -24.94 -31.53 -7.10
C VAL A 87 -26.04 -32.53 -6.68
N ALA A 88 -25.67 -33.73 -6.24
CA ALA A 88 -26.67 -34.72 -5.81
C ALA A 88 -27.45 -34.26 -4.59
N THR A 89 -26.87 -33.40 -3.80
CA THR A 89 -27.54 -32.85 -2.65
C THR A 89 -28.55 -31.76 -3.08
N GLY A 90 -28.42 -31.25 -4.29
CA GLY A 90 -29.28 -30.14 -4.70
C GLY A 90 -28.82 -28.72 -4.45
N TYR A 91 -27.74 -28.48 -3.70
CA TYR A 91 -27.36 -27.11 -3.39
C TYR A 91 -25.94 -27.01 -2.94
N MET A 92 -25.41 -25.79 -2.99
CA MET A 92 -24.20 -25.36 -2.25
C MET A 92 -24.60 -24.14 -1.44
N THR A 93 -24.03 -23.98 -0.25
CA THR A 93 -24.31 -22.82 0.55
C THR A 93 -23.55 -21.67 -0.11
N VAL A 94 -23.94 -20.46 0.24
CA VAL A 94 -23.18 -19.25 -0.15
C VAL A 94 -21.69 -19.38 0.19
N THR A 95 -21.36 -19.80 1.41
CA THR A 95 -20.01 -19.97 1.85
C THR A 95 -19.27 -21.02 0.98
N GLU A 96 -19.88 -22.18 0.78
CA GLU A 96 -19.22 -23.19 -0.06
C GLU A 96 -18.98 -22.66 -1.48
N ALA A 97 -19.93 -21.93 -2.01
CA ALA A 97 -19.82 -21.46 -3.42
C ALA A 97 -18.69 -20.39 -3.47
N ILE A 98 -18.62 -19.52 -2.47
CA ILE A 98 -17.60 -18.48 -2.45
C ILE A 98 -16.22 -19.19 -2.38
N GLN A 99 -16.09 -20.19 -1.50
CA GLN A 99 -14.79 -20.83 -1.33
C GLN A 99 -14.36 -21.58 -2.57
N SER A 100 -15.32 -22.24 -3.24
CA SER A 100 -15.05 -23.00 -4.45
C SER A 100 -14.76 -22.14 -5.67
N ALA A 101 -15.55 -21.09 -5.81
CA ALA A 101 -15.29 -20.16 -6.93
C ALA A 101 -13.88 -19.51 -6.78
N LEU A 102 -13.46 -19.21 -5.54
CA LEU A 102 -12.20 -18.53 -5.33
C LEU A 102 -11.04 -19.55 -5.37
N GLN A 103 -11.13 -20.64 -4.62
CA GLN A 103 -9.91 -21.47 -4.39
C GLN A 103 -9.68 -22.53 -5.41
N LEU A 104 -10.76 -22.92 -6.12
CA LEU A 104 -10.73 -23.87 -7.18
C LEU A 104 -11.04 -23.26 -8.56
N SER A 105 -11.55 -22.04 -8.57
CA SER A 105 -12.09 -21.43 -9.77
C SER A 105 -13.19 -22.26 -10.40
N ASP A 106 -14.05 -22.81 -9.57
CA ASP A 106 -15.14 -23.62 -10.00
C ASP A 106 -16.12 -22.72 -10.77
N ASN A 107 -16.42 -23.09 -11.99
CA ASN A 107 -17.29 -22.26 -12.86
C ASN A 107 -18.76 -22.30 -12.51
N ALA A 108 -19.28 -23.46 -12.07
CA ALA A 108 -20.67 -23.49 -11.69
C ALA A 108 -20.86 -22.72 -10.37
N ALA A 109 -19.89 -22.81 -9.44
CA ALA A 109 -20.03 -22.07 -8.20
C ALA A 109 -20.06 -20.56 -8.48
N ALA A 110 -19.23 -20.13 -9.42
CA ALA A 110 -19.21 -18.74 -9.75
C ALA A 110 -20.57 -18.33 -10.30
N ASN A 111 -21.18 -19.21 -11.12
CA ASN A 111 -22.52 -18.96 -11.74
C ASN A 111 -23.62 -18.87 -10.70
N LEU A 112 -23.51 -19.73 -9.67
CA LEU A 112 -24.40 -19.58 -8.52
C LEU A 112 -24.29 -18.23 -7.87
N LEU A 113 -23.07 -17.73 -7.70
CA LEU A 113 -22.89 -16.46 -7.03
C LEU A 113 -23.38 -15.34 -7.94
N LEU A 114 -23.17 -15.50 -9.23
CA LEU A 114 -23.69 -14.48 -10.18
C LEU A 114 -25.20 -14.35 -10.12
N LYS A 115 -25.91 -15.48 -10.01
CA LYS A 115 -27.35 -15.49 -9.90
C LYS A 115 -27.71 -14.76 -8.61
N GLU A 116 -26.96 -15.06 -7.55
CA GLU A 116 -27.26 -14.50 -6.21
C GLU A 116 -27.25 -12.98 -6.18
N VAL A 117 -26.32 -12.38 -6.92
CA VAL A 117 -26.13 -10.95 -6.80
C VAL A 117 -27.01 -10.18 -7.84
N GLY A 118 -27.68 -10.89 -8.70
CA GLY A 118 -28.48 -10.27 -9.77
C GLY A 118 -27.89 -10.31 -11.17
N GLY A 119 -26.82 -11.06 -11.41
CA GLY A 119 -26.26 -11.17 -12.77
C GLY A 119 -25.07 -10.24 -13.06
N PRO A 120 -24.39 -10.44 -14.21
CA PRO A 120 -23.32 -9.58 -14.66
C PRO A 120 -23.56 -8.10 -14.53
N PRO A 121 -24.75 -7.59 -14.92
CA PRO A 121 -24.89 -6.14 -14.74
C PRO A 121 -24.74 -5.63 -13.30
N LEU A 122 -25.15 -6.41 -12.32
CA LEU A 122 -25.06 -5.95 -10.94
C LEU A 122 -23.60 -6.03 -10.49
N LEU A 123 -22.80 -6.95 -11.07
CA LEU A 123 -21.36 -6.95 -10.72
C LEU A 123 -20.68 -5.77 -11.32
N THR A 124 -21.07 -5.39 -12.55
CA THR A 124 -20.52 -4.23 -13.21
C THR A 124 -20.86 -3.00 -12.41
N LYS A 125 -22.10 -2.92 -11.93
CA LYS A 125 -22.49 -1.81 -11.06
C LYS A 125 -21.65 -1.80 -9.80
N TYR A 126 -21.35 -2.98 -9.25
CA TYR A 126 -20.44 -3.03 -8.10
C TYR A 126 -19.06 -2.44 -8.43
N PHE A 127 -18.47 -2.81 -9.56
CA PHE A 127 -17.17 -2.24 -9.97
C PHE A 127 -17.29 -0.72 -9.96
N ARG A 128 -18.33 -0.21 -10.61
CA ARG A 128 -18.51 1.23 -10.71
C ARG A 128 -18.61 1.89 -9.36
N SER A 129 -19.28 1.23 -8.44
CA SER A 129 -19.51 1.76 -7.10
C SER A 129 -18.21 1.88 -6.34
N LEU A 130 -17.22 1.08 -6.71
CA LEU A 130 -15.94 1.07 -6.03
C LEU A 130 -14.98 2.04 -6.73
N GLY A 131 -15.49 2.74 -7.74
CA GLY A 131 -14.69 3.65 -8.54
C GLY A 131 -13.92 3.04 -9.71
N ASP A 132 -14.20 1.77 -10.04
CA ASP A 132 -13.51 1.14 -11.19
C ASP A 132 -14.42 1.46 -12.34
N LYS A 133 -13.97 2.29 -13.27
CA LYS A 133 -14.79 2.75 -14.37
C LYS A 133 -14.65 1.89 -15.60
N VAL A 134 -13.78 0.89 -15.57
CA VAL A 134 -13.33 0.18 -16.77
C VAL A 134 -13.80 -1.28 -16.74
N SER A 135 -13.57 -1.98 -15.64
CA SER A 135 -13.90 -3.41 -15.60
C SER A 135 -15.41 -3.67 -15.85
N ARG A 136 -15.73 -4.71 -16.61
CA ARG A 136 -17.14 -5.02 -16.89
C ARG A 136 -17.34 -6.49 -17.07
N LEU A 137 -18.42 -7.03 -16.48
CA LEU A 137 -18.80 -8.42 -16.77
C LEU A 137 -20.15 -8.36 -17.47
N ASP A 138 -20.28 -9.18 -18.48
CA ASP A 138 -21.45 -9.10 -19.37
C ASP A 138 -22.15 -10.42 -19.56
N ARG A 139 -21.37 -11.51 -19.48
CA ARG A 139 -21.89 -12.86 -19.65
C ARG A 139 -21.37 -13.83 -18.55
N ILE A 140 -21.96 -15.03 -18.50
CA ILE A 140 -21.69 -16.00 -17.44
C ILE A 140 -20.73 -17.06 -17.94
N GLU A 141 -20.24 -17.90 -17.02
CA GLU A 141 -19.37 -19.00 -17.47
C GLU A 141 -20.14 -20.02 -18.32
N PRO A 142 -19.54 -20.64 -19.35
CA PRO A 142 -18.22 -20.35 -19.89
C PRO A 142 -18.30 -19.36 -21.09
N THR A 143 -19.49 -18.88 -21.38
CA THR A 143 -19.80 -17.98 -22.52
C THR A 143 -18.85 -16.75 -22.57
N LEU A 144 -18.57 -16.18 -21.38
CA LEU A 144 -17.72 -15.00 -21.25
C LEU A 144 -16.29 -15.18 -21.74
N ASN A 145 -15.87 -16.43 -21.97
CA ASN A 145 -14.52 -16.70 -22.39
C ASN A 145 -14.36 -16.78 -23.94
N THR A 148 -14.09 -11.94 -29.60
CA THR A 148 -13.46 -11.50 -30.85
C THR A 148 -12.77 -10.13 -30.73
N PRO A 149 -11.86 -9.82 -31.66
CA PRO A 149 -11.18 -8.55 -31.69
C PRO A 149 -12.10 -7.32 -31.56
N GLY A 150 -11.75 -6.40 -30.67
CA GLY A 150 -12.53 -5.17 -30.42
C GLY A 150 -13.67 -5.27 -29.42
N ASP A 151 -14.05 -6.50 -29.09
CA ASP A 151 -15.11 -6.79 -28.11
C ASP A 151 -14.61 -6.47 -26.69
N GLU A 152 -15.27 -5.54 -26.00
CA GLU A 152 -14.78 -5.15 -24.68
C GLU A 152 -15.53 -5.87 -23.56
N ARG A 153 -16.41 -6.81 -23.93
CA ARG A 153 -17.22 -7.52 -22.95
C ARG A 153 -16.29 -8.35 -22.10
N ASP A 154 -16.62 -8.47 -20.82
CA ASP A 154 -15.85 -9.34 -19.93
C ASP A 154 -14.35 -9.00 -19.93
N THR A 155 -14.01 -7.73 -19.69
CA THR A 155 -12.63 -7.25 -19.77
C THR A 155 -12.30 -6.42 -18.55
N THR A 156 -11.01 -6.38 -18.25
CA THR A 156 -10.48 -5.43 -17.30
C THR A 156 -9.17 -4.82 -17.88
N THR A 157 -8.50 -3.97 -17.10
CA THR A 157 -7.12 -3.58 -17.33
C THR A 157 -6.29 -3.98 -16.11
N PRO A 158 -4.97 -4.20 -16.31
CA PRO A 158 -4.14 -4.57 -15.16
C PRO A 158 -4.28 -3.52 -14.04
N MET A 159 -4.25 -2.26 -14.42
CA MET A 159 -4.45 -1.17 -13.44
C MET A 159 -5.82 -1.20 -12.74
N SER A 160 -6.92 -1.38 -13.50
CA SER A 160 -8.27 -1.34 -12.93
C SER A 160 -8.39 -2.50 -11.94
N MET A 161 -7.89 -3.69 -12.34
CA MET A 161 -8.08 -4.81 -11.45
C MET A 161 -7.23 -4.64 -10.17
N ALA A 162 -5.98 -4.21 -10.31
CA ALA A 162 -5.09 -4.07 -9.15
C ALA A 162 -5.71 -3.06 -8.18
N GLN A 163 -6.21 -1.99 -8.76
CA GLN A 163 -6.79 -0.95 -7.92
C GLN A 163 -8.00 -1.44 -7.23
N THR A 164 -8.91 -2.09 -7.95
CA THR A 164 -10.06 -2.73 -7.33
C THR A 164 -9.76 -3.72 -6.24
N VAL A 165 -8.81 -4.59 -6.50
CA VAL A 165 -8.46 -5.58 -5.48
C VAL A 165 -7.85 -4.93 -4.25
N SER A 166 -6.99 -3.92 -4.43
CA SER A 166 -6.39 -3.20 -3.33
C SER A 166 -7.47 -2.61 -2.42
N LYS A 167 -8.53 -2.05 -3.02
CA LYS A 167 -9.64 -1.47 -2.27
C LYS A 167 -10.43 -2.52 -1.48
N LEU A 168 -10.55 -3.71 -2.07
CA LEU A 168 -11.30 -4.78 -1.41
C LEU A 168 -10.54 -5.44 -0.29
N ILE A 169 -9.26 -5.70 -0.52
CA ILE A 169 -8.37 -6.27 0.49
C ILE A 169 -7.89 -5.34 1.59
N PHE A 170 -7.59 -4.10 1.24
CA PHE A 170 -6.89 -3.18 2.17
C PHE A 170 -7.70 -1.99 2.59
N GLY A 171 -8.72 -1.64 1.80
CA GLY A 171 -9.66 -0.58 2.12
C GLY A 171 -10.87 -0.96 2.96
N ASP A 172 -11.87 -0.09 3.02
CA ASP A 172 -12.89 -0.24 4.07
C ASP A 172 -14.29 -0.49 3.54
N THR A 173 -14.40 -0.86 2.28
CA THR A 173 -15.72 -1.22 1.71
C THR A 173 -16.32 -2.47 2.36
N LEU A 174 -15.50 -3.46 2.77
CA LEU A 174 -16.01 -4.65 3.45
C LEU A 174 -15.83 -4.39 4.94
N THR A 175 -16.57 -5.06 5.81
CA THR A 175 -16.34 -5.00 7.25
C THR A 175 -15.06 -5.73 7.54
N TYR A 176 -14.51 -5.52 8.75
CA TYR A 176 -13.29 -6.17 9.19
C TYR A 176 -13.47 -7.69 9.10
N LYS A 177 -14.67 -8.15 9.47
CA LYS A 177 -15.00 -9.55 9.40
C LYS A 177 -14.92 -10.13 7.96
N SER A 178 -15.57 -9.46 7.03
CA SER A 178 -15.62 -9.94 5.66
C SER A 178 -14.28 -9.87 4.98
N LYS A 179 -13.55 -8.78 5.27
CA LYS A 179 -12.26 -8.51 4.68
C LYS A 179 -11.29 -9.59 5.14
N GLY A 180 -11.38 -9.96 6.41
CA GLY A 180 -10.54 -11.06 6.92
C GLY A 180 -10.86 -12.38 6.22
N GLN A 181 -12.16 -12.65 6.03
CA GLN A 181 -12.61 -13.88 5.40
C GLN A 181 -12.13 -13.97 3.93
N LEU A 182 -12.28 -12.87 3.24
CA LEU A 182 -11.85 -12.80 1.86
C LEU A 182 -10.33 -13.01 1.76
N ARG A 183 -9.56 -12.34 2.60
CA ARG A 183 -8.12 -12.54 2.63
C ARG A 183 -7.68 -14.00 2.94
N ARG A 184 -8.29 -14.61 3.95
CA ARG A 184 -7.93 -15.98 4.32
C ARG A 184 -8.27 -16.95 3.15
N LEU A 185 -9.39 -16.68 2.50
CA LEU A 185 -9.76 -17.51 1.36
C LEU A 185 -8.79 -17.36 0.22
N LEU A 186 -8.33 -16.15 -0.05
CA LEU A 186 -7.38 -15.96 -1.13
C LEU A 186 -6.04 -16.54 -0.79
N ILE A 187 -5.65 -16.50 0.49
CA ILE A 187 -4.37 -17.09 0.88
C ILE A 187 -4.39 -18.56 0.60
N GLY A 188 -5.55 -19.20 0.88
CA GLY A 188 -5.73 -20.59 0.65
C GLY A 188 -6.01 -21.01 -0.77
N ASN A 189 -5.93 -20.08 -1.70
CA ASN A 189 -6.13 -20.46 -3.13
C ASN A 189 -5.31 -21.65 -3.52
N GLN A 190 -5.92 -22.58 -4.28
CA GLN A 190 -5.23 -23.77 -4.67
C GLN A 190 -4.67 -23.76 -6.05
N THR A 191 -4.99 -22.77 -6.84
CA THR A 191 -4.62 -22.74 -8.25
C THR A 191 -3.37 -21.84 -8.58
N GLY A 192 -2.78 -21.16 -7.58
CA GLY A 192 -1.77 -20.12 -7.77
C GLY A 192 -0.39 -20.45 -7.21
N ASP A 193 -0.12 -21.71 -6.93
CA ASP A 193 1.16 -22.08 -6.34
C ASP A 193 2.36 -21.83 -7.31
N LYS A 194 2.12 -21.77 -8.62
CA LYS A 194 3.17 -21.66 -9.60
C LYS A 194 3.18 -20.33 -10.31
N THR A 195 2.23 -19.43 -9.96
CA THR A 195 2.13 -18.15 -10.59
C THR A 195 2.78 -17.04 -9.76
N ILE A 196 2.08 -15.95 -9.43
CA ILE A 196 2.68 -14.84 -8.79
C ILE A 196 3.43 -15.27 -7.50
N ARG A 197 2.84 -16.11 -6.67
CA ARG A 197 3.50 -16.37 -5.39
C ARG A 197 4.76 -17.22 -5.56
N ALA A 198 4.94 -17.86 -6.71
CA ALA A 198 6.20 -18.57 -7.01
C ALA A 198 7.33 -17.60 -7.30
N GLY A 199 6.98 -16.36 -7.63
CA GLY A 199 7.97 -15.33 -7.82
C GLY A 199 8.18 -14.39 -6.66
N LEU A 200 7.63 -14.74 -5.50
CA LEU A 200 7.80 -13.90 -4.29
C LEU A 200 8.41 -14.69 -3.17
N PRO A 201 9.20 -14.03 -2.31
CA PRO A 201 9.70 -14.79 -1.13
C PRO A 201 8.62 -15.47 -0.30
N ASP A 202 8.99 -16.66 0.14
CA ASP A 202 8.03 -17.51 0.86
C ASP A 202 7.64 -16.97 2.20
N SER A 203 8.37 -16.00 2.74
CA SER A 203 8.00 -15.43 4.01
C SER A 203 6.92 -14.38 3.89
N TRP A 204 6.57 -14.01 2.67
CA TRP A 204 5.57 -12.97 2.55
C TRP A 204 4.18 -13.55 2.48
N VAL A 205 3.22 -12.94 3.18
CA VAL A 205 1.84 -13.39 3.15
C VAL A 205 1.28 -13.03 1.76
N THR A 206 0.71 -13.97 1.03
CA THR A 206 0.23 -13.72 -0.30
CA THR A 206 0.22 -13.73 -0.32
C THR A 206 -1.12 -14.44 -0.49
N GLY A 207 -2.07 -13.77 -1.16
CA GLY A 207 -3.31 -14.42 -1.57
C GLY A 207 -3.55 -14.04 -3.01
N ASP A 208 -4.16 -14.93 -3.79
CA ASP A 208 -4.35 -14.62 -5.21
C ASP A 208 -5.57 -15.24 -5.82
N LYS A 209 -6.01 -14.73 -7.00
CA LYS A 209 -7.02 -15.39 -7.84
C LYS A 209 -6.42 -15.46 -9.27
N THR A 210 -6.35 -16.65 -9.85
CA THR A 210 -5.81 -16.89 -11.16
C THR A 210 -6.91 -16.88 -12.25
N GLY A 211 -6.48 -16.99 -13.47
CA GLY A 211 -7.39 -17.27 -14.55
C GLY A 211 -6.65 -17.92 -15.68
N SER A 212 -7.37 -18.78 -16.38
CA SER A 212 -6.86 -19.30 -17.65
C SER A 212 -7.93 -19.04 -18.68
N CYS A 213 -7.57 -18.40 -19.79
CA CYS A 213 -8.59 -17.87 -20.74
C CYS A 213 -8.24 -18.22 -22.17
N ALA A 214 -9.15 -17.88 -23.07
CA ALA A 214 -8.94 -18.12 -24.52
C ALA A 214 -7.65 -17.48 -25.05
N ASN A 215 -7.13 -17.97 -26.18
CA ASN A 215 -5.99 -17.35 -26.78
C ASN A 215 -4.77 -17.36 -25.85
N GLY A 216 -4.63 -18.43 -25.09
CA GLY A 216 -3.39 -18.65 -24.33
C GLY A 216 -3.35 -17.69 -23.13
N GLY A 217 -4.51 -17.26 -22.66
CA GLY A 217 -4.60 -16.36 -21.49
C GLY A 217 -4.19 -17.07 -20.21
N ARG A 218 -3.29 -16.48 -19.46
CA ARG A 218 -2.90 -16.95 -18.14
C ARG A 218 -2.62 -15.73 -17.23
N ASN A 219 -3.50 -15.52 -16.28
CA ASN A 219 -3.58 -14.32 -15.50
C ASN A 219 -3.54 -14.64 -14.01
N ASP A 220 -3.20 -13.64 -13.22
CA ASP A 220 -3.13 -13.78 -11.74
C ASP A 220 -3.21 -12.40 -11.14
N VAL A 221 -3.99 -12.23 -10.09
CA VAL A 221 -3.92 -11.02 -9.28
C VAL A 221 -3.75 -11.41 -7.83
N ALA A 222 -2.79 -10.78 -7.17
CA ALA A 222 -2.43 -11.18 -5.82
C ALA A 222 -2.29 -9.99 -4.96
N PHE A 223 -2.60 -10.13 -3.67
CA PHE A 223 -2.10 -9.20 -2.67
C PHE A 223 -0.93 -9.84 -1.95
N PHE A 224 -0.04 -9.02 -1.40
CA PHE A 224 1.01 -9.49 -0.56
C PHE A 224 1.49 -8.49 0.44
N ILE A 225 2.06 -9.05 1.50
CA ILE A 225 2.58 -8.26 2.61
C ILE A 225 3.99 -8.72 2.87
N THR A 226 4.94 -7.79 2.77
CA THR A 226 6.35 -8.11 2.84
C THR A 226 6.71 -8.19 4.33
N THR A 227 7.92 -8.66 4.59
CA THR A 227 8.39 -8.79 5.99
C THR A 227 8.53 -7.44 6.67
N ALA A 228 8.57 -6.35 5.89
CA ALA A 228 8.56 -4.96 6.46
C ALA A 228 7.14 -4.47 6.76
N GLY A 229 6.15 -5.30 6.46
CA GLY A 229 4.76 -5.00 6.70
C GLY A 229 4.12 -4.14 5.62
N LYS A 230 4.75 -4.07 4.45
CA LYS A 230 4.32 -3.14 3.41
C LYS A 230 3.40 -3.97 2.54
N LYS A 231 2.30 -3.36 2.10
CA LYS A 231 1.18 -4.11 1.51
C LYS A 231 0.98 -3.66 0.05
N TYR A 232 0.75 -4.61 -0.85
CA TYR A 232 0.76 -4.32 -2.28
C TYR A 232 -0.23 -5.22 -2.98
N VAL A 233 -0.67 -4.79 -4.15
CA VAL A 233 -1.38 -5.66 -5.07
C VAL A 233 -0.60 -5.68 -6.43
N LEU A 234 -0.49 -6.88 -7.00
CA LEU A 234 0.13 -7.10 -8.29
C LEU A 234 -0.88 -7.80 -9.20
N SER A 235 -1.21 -7.19 -10.34
CA SER A 235 -2.01 -7.87 -11.40
C SER A 235 -1.12 -8.17 -12.59
N VAL A 236 -1.28 -9.35 -13.13
CA VAL A 236 -0.54 -9.83 -14.30
C VAL A 236 -1.49 -10.54 -15.21
N TYR A 237 -1.65 -10.02 -16.41
CA TYR A 237 -2.41 -10.64 -17.47
C TYR A 237 -1.45 -11.00 -18.61
N THR A 238 -1.53 -12.22 -19.09
CA THR A 238 -0.65 -12.69 -20.15
C THR A 238 -1.42 -13.45 -21.22
N ASN A 239 -0.94 -13.32 -22.45
CA ASN A 239 -1.36 -14.13 -23.58
C ASN A 239 -0.09 -14.66 -24.25
N ALA A 240 0.21 -15.94 -24.08
CA ALA A 240 1.44 -16.57 -24.59
C ALA A 240 1.06 -17.91 -25.32
N PRO A 241 0.38 -17.77 -26.48
CA PRO A 241 -0.21 -18.95 -27.09
C PRO A 241 0.83 -19.96 -27.54
N GLU A 242 2.09 -19.60 -27.65
CA GLU A 242 3.14 -20.56 -28.08
C GLU A 242 3.77 -21.26 -26.89
N LEU A 243 3.47 -20.83 -25.67
CA LEU A 243 4.00 -21.49 -24.49
C LEU A 243 3.06 -22.58 -24.03
N GLN A 244 3.64 -23.59 -23.40
CA GLN A 244 2.92 -24.62 -22.70
C GLN A 244 2.49 -24.06 -21.34
N GLY A 245 1.58 -24.76 -20.68
CA GLY A 245 0.99 -24.23 -19.45
C GLY A 245 1.93 -23.99 -18.32
N GLU A 246 2.87 -24.92 -18.08
CA GLU A 246 3.89 -24.73 -17.09
C GLU A 246 4.78 -23.50 -17.39
N GLU A 247 5.00 -23.21 -18.69
CA GLU A 247 5.81 -22.08 -19.10
C GLU A 247 5.05 -20.79 -18.90
N ARG A 248 3.75 -20.82 -19.09
CA ARG A 248 2.91 -19.63 -18.88
C ARG A 248 2.89 -19.22 -17.40
N ALA A 249 2.77 -20.17 -16.52
CA ALA A 249 2.91 -19.90 -15.10
C ALA A 249 4.31 -19.34 -14.75
N LEU A 250 5.39 -19.93 -15.29
CA LEU A 250 6.72 -19.42 -15.07
C LEU A 250 6.92 -17.97 -15.58
N LEU A 251 6.23 -17.64 -16.66
CA LEU A 251 6.26 -16.30 -17.17
C LEU A 251 5.64 -15.32 -16.15
N ILE A 252 4.55 -15.72 -15.49
CA ILE A 252 3.90 -14.85 -14.46
C ILE A 252 4.83 -14.75 -13.26
N ALA A 253 5.43 -15.84 -12.83
CA ALA A 253 6.37 -15.80 -11.70
C ALA A 253 7.58 -14.84 -12.02
N SER A 254 8.09 -14.86 -13.27
CA SER A 254 9.14 -13.96 -13.74
C SER A 254 8.75 -12.50 -13.66
N VAL A 255 7.52 -12.22 -14.06
CA VAL A 255 6.98 -10.87 -13.93
C VAL A 255 6.95 -10.41 -12.44
N ALA A 256 6.52 -11.30 -11.56
CA ALA A 256 6.47 -10.96 -10.12
C ALA A 256 7.89 -10.72 -9.57
N LYS A 257 8.87 -11.51 -10.02
CA LYS A 257 10.25 -11.30 -9.57
C LYS A 257 10.79 -9.92 -10.02
N LEU A 258 10.40 -9.49 -11.23
CA LEU A 258 10.73 -8.15 -11.68
C LEU A 258 10.03 -7.08 -10.84
N ALA A 259 8.71 -7.23 -10.65
CA ALA A 259 7.92 -6.24 -9.94
C ALA A 259 8.40 -6.12 -8.51
N ARG A 260 8.82 -7.24 -7.88
CA ARG A 260 9.26 -7.13 -6.45
C ARG A 260 10.52 -6.30 -6.23
N GLN A 261 11.25 -6.00 -7.29
CA GLN A 261 12.44 -5.10 -7.19
C GLN A 261 12.05 -3.69 -6.81
N TYR A 262 10.75 -3.41 -6.88
CA TYR A 262 10.20 -2.09 -6.60
C TYR A 262 9.38 -2.03 -5.29
N VAL A 263 9.45 -3.06 -4.44
CA VAL A 263 8.68 -3.05 -3.21
C VAL A 263 9.65 -3.04 -2.04
N VAL A 264 9.21 -2.47 -0.93
CA VAL A 264 10.01 -2.49 0.32
C VAL A 264 9.91 -3.86 0.97
N HIS A 265 11.05 -4.53 1.01
CA HIS A 265 11.13 -5.91 1.46
C HIS A 265 11.04 -6.01 3.00
N ASP B 3 -25.03 22.10 19.38
CA ASP B 3 -24.38 21.21 18.40
C ASP B 3 -23.40 22.02 17.52
N PHE B 4 -22.77 21.33 16.58
CA PHE B 4 -21.89 21.98 15.62
C PHE B 4 -22.58 23.04 14.75
N GLU B 5 -23.80 22.78 14.30
CA GLU B 5 -24.47 23.82 13.46
C GLU B 5 -24.59 25.14 14.24
N HIS B 6 -24.92 25.05 15.52
CA HIS B 6 -25.16 26.25 16.34
C HIS B 6 -23.87 26.96 16.67
N ALA B 7 -22.82 26.18 16.91
CA ALA B 7 -21.51 26.76 17.11
C ALA B 7 -21.02 27.53 15.92
N ILE B 8 -21.11 26.98 14.71
CA ILE B 8 -20.62 27.71 13.57
C ILE B 8 -21.56 28.90 13.28
N SER B 9 -22.83 28.69 13.42
CA SER B 9 -23.80 29.78 13.26
C SER B 9 -23.46 30.97 14.15
N ASP B 10 -23.17 30.66 15.42
CA ASP B 10 -22.77 31.68 16.40
C ASP B 10 -21.49 32.42 15.99
N LEU B 11 -20.49 31.67 15.50
CA LEU B 11 -19.26 32.29 15.02
C LEU B 11 -19.54 33.23 13.87
N GLU B 12 -20.47 32.86 13.00
CA GLU B 12 -20.85 33.70 11.91
C GLU B 12 -21.44 35.01 12.39
N ALA B 13 -22.32 34.90 13.34
CA ALA B 13 -23.12 36.04 13.80
C ALA B 13 -22.23 37.06 14.54
N HIS B 14 -21.34 36.54 15.37
CA HIS B 14 -20.44 37.36 16.17
C HIS B 14 -19.44 38.08 15.30
N ASN B 15 -18.91 37.37 14.32
CA ASN B 15 -17.83 37.87 13.53
C ASN B 15 -18.32 38.43 12.22
N GLN B 16 -19.62 38.46 12.03
CA GLN B 16 -20.21 38.96 10.78
C GLN B 16 -19.64 38.24 9.59
N ALA B 17 -19.49 36.93 9.73
CA ALA B 17 -18.83 36.13 8.72
C ALA B 17 -19.74 35.14 8.06
N LYS B 18 -19.27 34.62 6.90
CA LYS B 18 -19.85 33.45 6.32
C LYS B 18 -18.76 32.35 6.37
N ILE B 19 -19.13 31.21 6.92
CA ILE B 19 -18.17 30.14 7.20
C ILE B 19 -18.69 28.91 6.51
N GLY B 20 -17.80 28.24 5.72
CA GLY B 20 -18.14 26.95 5.12
C GLY B 20 -17.12 25.93 5.62
N VAL B 21 -17.56 24.76 6.06
CA VAL B 21 -16.65 23.73 6.58
C VAL B 21 -17.10 22.33 6.27
N ALA B 22 -16.14 21.49 5.89
CA ALA B 22 -16.36 20.10 5.69
C ALA B 22 -15.19 19.26 6.25
N LEU B 23 -15.52 18.37 7.17
CA LEU B 23 -14.64 17.33 7.63
C LEU B 23 -15.05 16.02 6.94
N VAL B 24 -14.15 15.49 6.12
CA VAL B 24 -14.36 14.24 5.42
C VAL B 24 -13.34 13.18 5.80
N SER B 25 -13.76 11.91 5.69
CA SER B 25 -12.92 10.78 6.00
C SER B 25 -12.02 10.48 4.83
N GLU B 26 -11.14 9.53 5.02
CA GLU B 26 -10.23 9.08 4.00
C GLU B 26 -11.00 8.74 2.74
N ASN B 27 -12.20 8.20 2.87
CA ASN B 27 -12.97 7.83 1.66
CA ASN B 27 -13.04 7.81 1.72
C ASN B 27 -13.94 8.91 1.12
N GLY B 28 -13.79 10.14 1.57
CA GLY B 28 -14.63 11.23 1.05
C GLY B 28 -15.96 11.42 1.72
N ASN B 29 -16.26 10.61 2.72
CA ASN B 29 -17.53 10.69 3.39
CA ASN B 29 -17.54 10.71 3.39
C ASN B 29 -17.59 11.88 4.35
N LEU B 30 -18.70 12.62 4.31
CA LEU B 30 -18.87 13.76 5.22
C LEU B 30 -19.13 13.32 6.64
N ILE B 31 -18.23 13.71 7.53
CA ILE B 31 -18.32 13.40 8.93
C ILE B 31 -18.97 14.55 9.66
N GLN B 32 -18.61 15.80 9.34
CA GLN B 32 -19.24 16.99 9.96
C GLN B 32 -19.12 18.16 8.99
N GLY B 33 -20.07 19.08 9.00
CA GLY B 33 -20.10 20.11 7.98
C GLY B 33 -21.03 21.24 8.34
N TYR B 34 -20.80 22.39 7.73
CA TYR B 34 -21.67 23.53 7.83
C TYR B 34 -21.51 24.35 6.56
N ARG B 35 -22.63 24.63 5.86
CA ARG B 35 -22.55 25.20 4.51
C ARG B 35 -21.60 24.40 3.64
N ALA B 36 -21.60 23.07 3.83
CA ALA B 36 -20.58 22.23 3.24
C ALA B 36 -20.68 22.19 1.72
N ASN B 37 -21.90 22.41 1.23
CA ASN B 37 -22.10 22.35 -0.21
C ASN B 37 -22.39 23.72 -0.81
N GLU B 38 -22.08 24.79 -0.08
CA GLU B 38 -22.18 26.16 -0.63
C GLU B 38 -20.89 26.60 -1.30
N ARG B 39 -21.03 27.42 -2.34
CA ARG B 39 -19.88 27.84 -3.08
C ARG B 39 -19.16 29.00 -2.40
N PHE B 40 -17.84 28.96 -2.49
CA PHE B 40 -16.96 30.04 -2.04
C PHE B 40 -15.93 30.28 -3.10
N ALA B 41 -15.40 31.50 -3.17
CA ALA B 41 -14.39 31.84 -4.19
C ALA B 41 -13.13 31.04 -3.90
N MET B 42 -12.66 30.37 -4.93
CA MET B 42 -11.42 29.61 -4.89
C MET B 42 -10.29 30.42 -5.56
N CYS B 43 -9.64 31.31 -4.82
CA CYS B 43 -8.64 32.17 -5.45
C CYS B 43 -7.22 31.61 -5.31
N SER B 44 -6.99 30.73 -4.35
CA SER B 44 -5.68 30.13 -4.13
C SER B 44 -5.62 28.64 -3.99
N THR B 45 -6.65 28.05 -3.40
CA THR B 45 -6.64 26.61 -3.07
C THR B 45 -6.69 25.73 -4.32
N PHE B 46 -7.04 26.31 -5.46
CA PHE B 46 -6.91 25.59 -6.75
C PHE B 46 -5.49 25.10 -6.98
N LYS B 47 -4.50 25.72 -6.34
CA LYS B 47 -3.11 25.37 -6.59
C LYS B 47 -2.77 23.98 -6.19
N LEU B 48 -3.49 23.43 -5.22
CA LEU B 48 -3.19 22.09 -4.74
C LEU B 48 -3.58 21.06 -5.82
N PRO B 49 -4.83 21.08 -6.33
CA PRO B 49 -5.07 20.18 -7.51
C PRO B 49 -4.26 20.51 -8.76
N LEU B 50 -3.95 21.79 -8.97
CA LEU B 50 -3.00 22.14 -10.00
C LEU B 50 -1.65 21.43 -9.91
N ALA B 51 -1.08 21.47 -8.73
CA ALA B 51 0.18 20.71 -8.53
C ALA B 51 0.01 19.25 -8.84
N ALA B 52 -1.08 18.70 -8.36
CA ALA B 52 -1.39 17.28 -8.65
C ALA B 52 -1.45 17.01 -10.16
N LEU B 53 -2.12 17.89 -10.89
CA LEU B 53 -2.14 17.74 -12.35
C LEU B 53 -0.76 17.74 -12.97
N VAL B 54 0.11 18.69 -12.56
CA VAL B 54 1.46 18.76 -13.06
C VAL B 54 2.33 17.52 -12.76
N LEU B 55 2.27 17.07 -11.50
CA LEU B 55 2.98 15.90 -11.04
C LEU B 55 2.49 14.71 -11.90
N SER B 56 1.19 14.68 -12.21
CA SER B 56 0.66 13.55 -12.98
CA SER B 56 0.64 13.57 -12.99
C SER B 56 1.11 13.60 -14.45
N ARG B 57 1.29 14.80 -14.98
CA ARG B 57 1.81 15.00 -16.36
C ARG B 57 3.26 14.57 -16.45
N ILE B 58 4.02 14.88 -15.42
CA ILE B 58 5.39 14.39 -15.32
C ILE B 58 5.38 12.88 -15.37
N ASP B 59 4.52 12.28 -14.56
CA ASP B 59 4.46 10.79 -14.50
C ASP B 59 4.01 10.13 -15.79
N ALA B 60 3.16 10.81 -16.53
CA ALA B 60 2.72 10.38 -17.82
C ALA B 60 3.72 10.59 -18.94
N GLY B 61 4.91 11.16 -18.67
CA GLY B 61 5.92 11.50 -19.71
C GLY B 61 5.59 12.72 -20.55
N GLU B 62 4.64 13.52 -20.10
CA GLU B 62 4.24 14.73 -20.80
C GLU B 62 4.92 15.99 -20.25
N GLU B 63 5.71 15.87 -19.18
CA GLU B 63 6.45 17.03 -18.66
C GLU B 63 7.69 16.52 -18.01
N ASN B 64 8.68 17.39 -17.81
CA ASN B 64 9.92 17.02 -17.12
C ASN B 64 10.04 17.93 -15.89
N PRO B 65 10.40 17.38 -14.73
CA PRO B 65 10.46 18.22 -13.50
C PRO B 65 11.54 19.32 -13.55
N GLU B 66 12.58 19.13 -14.39
CA GLU B 66 13.65 20.13 -14.52
C GLU B 66 13.47 21.09 -15.72
N ARG B 67 12.37 20.97 -16.45
CA ARG B 67 12.12 21.88 -17.57
C ARG B 67 12.01 23.30 -17.10
N LYS B 68 12.70 24.16 -17.84
CA LYS B 68 12.80 25.57 -17.47
C LYS B 68 11.54 26.23 -17.95
N LEU B 69 10.81 26.87 -17.03
CA LEU B 69 9.67 27.70 -17.38
C LEU B 69 10.12 29.18 -17.43
N HIS B 70 10.24 29.71 -18.64
CA HIS B 70 10.78 31.07 -18.81
C HIS B 70 9.78 32.18 -18.53
N TYR B 71 10.24 33.28 -17.98
CA TYR B 71 9.40 34.44 -17.74
C TYR B 71 10.35 35.66 -17.57
N ASP B 72 9.77 36.82 -17.61
CA ASP B 72 10.47 38.08 -17.39
C ASP B 72 9.66 38.87 -16.41
N SER B 73 10.03 40.10 -16.11
CA SER B 73 9.36 40.82 -15.04
C SER B 73 7.91 41.21 -15.32
N ALA B 74 7.52 41.29 -16.58
CA ALA B 74 6.14 41.59 -16.91
C ALA B 74 5.23 40.48 -16.39
N PHE B 75 5.77 39.26 -16.32
CA PHE B 75 5.03 38.11 -15.76
C PHE B 75 4.89 38.17 -14.25
N LEU B 76 5.62 39.06 -13.59
CA LEU B 76 5.53 39.08 -12.14
C LEU B 76 4.13 39.50 -11.74
N GLU B 77 3.80 39.14 -10.50
CA GLU B 77 2.53 39.49 -9.87
C GLU B 77 2.90 40.22 -8.60
N GLU B 78 2.00 41.03 -8.02
CA GLU B 78 2.29 41.69 -6.71
C GLU B 78 2.81 40.74 -5.63
N TYR B 79 2.18 39.56 -5.54
CA TYR B 79 2.61 38.56 -4.58
C TYR B 79 3.26 37.38 -5.33
N ALA B 80 4.58 37.40 -5.38
CA ALA B 80 5.36 36.35 -6.05
C ALA B 80 6.75 36.39 -5.47
N PRO B 81 6.87 35.96 -4.22
CA PRO B 81 8.18 36.16 -3.54
C PRO B 81 9.31 35.31 -4.11
N ALA B 82 9.01 34.08 -4.57
CA ALA B 82 10.03 33.27 -5.17
C ALA B 82 10.28 33.77 -6.59
N ALA B 83 9.23 34.03 -7.37
CA ALA B 83 9.47 34.38 -8.79
C ALA B 83 10.28 35.67 -8.93
N LYS B 84 10.11 36.57 -7.97
CA LYS B 84 10.95 37.79 -7.89
C LYS B 84 12.43 37.49 -7.63
N ARG B 85 12.72 36.50 -6.81
CA ARG B 85 14.11 36.09 -6.55
C ARG B 85 14.77 35.48 -7.76
N TYR B 86 14.00 34.75 -8.58
CA TYR B 86 14.54 34.02 -9.71
C TYR B 86 14.52 34.77 -11.04
N VAL B 87 13.81 35.89 -11.08
CA VAL B 87 13.50 36.53 -12.36
C VAL B 87 14.74 36.94 -13.12
N ALA B 88 15.82 37.34 -12.40
CA ALA B 88 17.06 37.64 -13.13
C ALA B 88 17.65 36.47 -13.92
N THR B 89 17.36 35.23 -13.53
CA THR B 89 17.88 34.05 -14.23
C THR B 89 17.07 33.72 -15.48
N GLY B 90 15.89 34.30 -15.56
CA GLY B 90 14.96 34.11 -16.67
C GLY B 90 13.96 32.95 -16.56
N TYR B 91 14.05 32.18 -15.48
CA TYR B 91 13.19 30.95 -15.41
C TYR B 91 13.05 30.44 -14.00
N MET B 92 12.02 29.59 -13.81
CA MET B 92 11.99 28.66 -12.69
C MET B 92 11.69 27.30 -13.31
N THR B 93 12.24 26.26 -12.70
CA THR B 93 11.92 24.90 -13.14
C THR B 93 10.49 24.56 -12.77
N VAL B 94 9.92 23.55 -13.46
CA VAL B 94 8.62 23.05 -13.05
C VAL B 94 8.57 22.73 -11.55
N THR B 95 9.60 22.04 -11.07
CA THR B 95 9.68 21.64 -9.67
C THR B 95 9.71 22.85 -8.76
N GLU B 96 10.51 23.86 -9.10
CA GLU B 96 10.63 25.05 -8.25
C GLU B 96 9.28 25.77 -8.24
N ALA B 97 8.60 25.79 -9.38
CA ALA B 97 7.26 26.49 -9.42
C ALA B 97 6.27 25.76 -8.60
N ILE B 98 6.29 24.43 -8.65
CA ILE B 98 5.32 23.62 -7.84
C ILE B 98 5.54 23.96 -6.37
N GLN B 99 6.81 23.88 -5.95
CA GLN B 99 7.14 24.11 -4.56
C GLN B 99 6.75 25.53 -4.09
N SER B 100 7.05 26.54 -4.89
CA SER B 100 6.75 27.92 -4.55
C SER B 100 5.23 28.23 -4.61
N ALA B 101 4.54 27.68 -5.62
CA ALA B 101 3.08 27.82 -5.68
C ALA B 101 2.40 27.20 -4.49
N LEU B 102 2.89 26.07 -4.02
CA LEU B 102 2.19 25.41 -2.93
C LEU B 102 2.61 26.04 -1.57
N GLN B 103 3.93 26.16 -1.32
CA GLN B 103 4.41 26.43 0.07
C GLN B 103 4.44 27.90 0.41
N LEU B 104 4.49 28.77 -0.62
CA LEU B 104 4.46 30.18 -0.45
C LEU B 104 3.19 30.78 -1.07
N SER B 105 2.38 29.97 -1.76
CA SER B 105 1.28 30.57 -2.60
C SER B 105 1.78 31.67 -3.57
N ASP B 106 2.95 31.46 -4.16
CA ASP B 106 3.51 32.35 -5.16
C ASP B 106 2.56 32.42 -6.38
N ASN B 107 2.01 33.59 -6.69
CA ASN B 107 1.08 33.70 -7.87
C ASN B 107 1.73 33.57 -9.24
N ALA B 108 2.97 34.03 -9.40
CA ALA B 108 3.64 33.95 -10.70
C ALA B 108 3.98 32.50 -10.95
N ALA B 109 4.54 31.83 -9.93
CA ALA B 109 4.73 30.34 -9.99
C ALA B 109 3.45 29.59 -10.42
N ALA B 110 2.36 29.91 -9.76
CA ALA B 110 1.11 29.29 -10.09
C ALA B 110 0.69 29.59 -11.54
N ASN B 111 0.88 30.84 -11.99
CA ASN B 111 0.58 31.17 -13.40
C ASN B 111 1.45 30.41 -14.40
N LEU B 112 2.70 30.17 -14.08
CA LEU B 112 3.56 29.38 -14.95
C LEU B 112 2.97 27.96 -15.09
N LEU B 113 2.52 27.41 -13.96
CA LEU B 113 1.97 26.04 -13.96
C LEU B 113 0.68 26.00 -14.75
N LEU B 114 -0.15 26.99 -14.54
CA LEU B 114 -1.40 27.08 -15.28
C LEU B 114 -1.20 27.08 -16.78
N LYS B 115 -0.22 27.83 -17.22
CA LYS B 115 0.11 27.88 -18.64
C LYS B 115 0.60 26.48 -19.09
N GLU B 116 1.42 25.82 -18.26
CA GLU B 116 2.00 24.56 -18.61
C GLU B 116 0.94 23.45 -18.83
N VAL B 117 -0.17 23.55 -18.11
CA VAL B 117 -1.21 22.51 -18.18
C VAL B 117 -2.32 22.82 -19.23
N GLY B 118 -2.30 24.04 -19.79
CA GLY B 118 -3.22 24.48 -20.86
C GLY B 118 -4.24 25.47 -20.36
N GLY B 119 -4.13 25.90 -19.11
CA GLY B 119 -4.97 26.97 -18.65
C GLY B 119 -6.14 26.52 -17.80
N PRO B 120 -6.93 27.48 -17.30
CA PRO B 120 -8.06 27.13 -16.42
C PRO B 120 -9.05 26.07 -16.94
N PRO B 121 -9.38 26.11 -18.24
CA PRO B 121 -10.24 25.00 -18.75
C PRO B 121 -9.67 23.58 -18.58
N LEU B 122 -8.37 23.44 -18.72
CA LEU B 122 -7.79 22.14 -18.50
C LEU B 122 -7.71 21.77 -17.02
N LEU B 123 -7.59 22.73 -16.11
CA LEU B 123 -7.69 22.41 -14.67
C LEU B 123 -9.13 21.99 -14.30
N THR B 124 -10.12 22.72 -14.82
CA THR B 124 -11.52 22.32 -14.56
C THR B 124 -11.76 20.90 -15.10
N LYS B 125 -11.27 20.63 -16.31
CA LYS B 125 -11.37 19.29 -16.89
C LYS B 125 -10.81 18.27 -15.92
N TYR B 126 -9.68 18.58 -15.31
CA TYR B 126 -9.02 17.64 -14.40
C TYR B 126 -9.86 17.45 -13.15
N PHE B 127 -10.41 18.52 -12.59
CA PHE B 127 -11.35 18.33 -11.47
C PHE B 127 -12.48 17.31 -11.84
N ARG B 128 -13.11 17.58 -12.97
CA ARG B 128 -14.19 16.72 -13.47
C ARG B 128 -13.74 15.29 -13.61
N SER B 129 -12.51 15.05 -14.05
CA SER B 129 -11.97 13.72 -14.24
C SER B 129 -11.82 12.98 -12.94
N LEU B 130 -11.63 13.71 -11.83
CA LEU B 130 -11.55 13.12 -10.50
C LEU B 130 -12.90 12.84 -9.85
N GLY B 131 -13.99 13.31 -10.48
CA GLY B 131 -15.34 13.16 -9.97
C GLY B 131 -15.76 14.37 -9.12
N ASP B 132 -14.99 15.45 -9.18
CA ASP B 132 -15.41 16.69 -8.56
C ASP B 132 -16.28 17.37 -9.60
N LYS B 133 -17.57 17.46 -9.28
CA LYS B 133 -18.58 17.96 -10.20
C LYS B 133 -18.77 19.51 -10.11
N VAL B 134 -18.10 20.16 -9.16
CA VAL B 134 -18.44 21.51 -8.73
C VAL B 134 -17.29 22.50 -8.94
N SER B 135 -16.07 22.17 -8.48
CA SER B 135 -14.90 23.08 -8.51
C SER B 135 -14.62 23.56 -9.96
N ARG B 136 -14.33 24.86 -10.12
CA ARG B 136 -14.00 25.35 -11.42
C ARG B 136 -13.09 26.53 -11.35
N LEU B 137 -12.13 26.57 -12.31
CA LEU B 137 -11.31 27.75 -12.54
C LEU B 137 -11.58 28.26 -13.96
N ASP B 138 -11.63 29.59 -14.06
CA ASP B 138 -12.12 30.26 -15.27
C ASP B 138 -11.22 31.38 -15.71
N ARG B 139 -11.12 31.58 -17.03
CA ARG B 139 -10.44 32.76 -17.52
C ARG B 139 -11.39 33.93 -17.20
N ILE B 140 -10.92 34.86 -16.39
CA ILE B 140 -11.68 36.09 -16.07
C ILE B 140 -10.93 37.32 -16.63
N THR B 148 -23.67 40.06 -11.90
CA THR B 148 -23.77 38.63 -11.76
C THR B 148 -23.62 38.31 -10.28
N PRO B 149 -24.70 38.54 -9.54
CA PRO B 149 -24.66 38.34 -8.08
C PRO B 149 -24.42 36.89 -7.67
N GLY B 150 -24.63 35.94 -8.57
CA GLY B 150 -24.42 34.50 -8.28
C GLY B 150 -23.35 33.86 -9.09
N ASP B 151 -22.37 34.65 -9.51
CA ASP B 151 -21.31 34.22 -10.40
C ASP B 151 -20.54 33.06 -9.80
N GLU B 152 -20.52 31.96 -10.48
CA GLU B 152 -19.92 30.75 -9.89
C GLU B 152 -18.54 30.51 -10.44
N ARG B 153 -18.06 31.42 -11.25
CA ARG B 153 -16.71 31.23 -11.80
C ARG B 153 -15.70 31.24 -10.66
N ASP B 154 -14.62 30.48 -10.81
CA ASP B 154 -13.59 30.41 -9.76
C ASP B 154 -14.17 30.14 -8.38
N THR B 155 -14.91 29.04 -8.24
CA THR B 155 -15.48 28.62 -6.98
C THR B 155 -15.29 27.13 -6.75
N THR B 156 -15.41 26.76 -5.48
CA THR B 156 -15.47 25.37 -5.06
C THR B 156 -16.39 25.33 -3.86
N THR B 157 -16.64 24.16 -3.29
CA THR B 157 -17.39 24.07 -2.05
C THR B 157 -16.48 23.41 -1.02
N PRO B 158 -16.76 23.62 0.27
CA PRO B 158 -15.87 22.95 1.29
C PRO B 158 -15.85 21.42 1.07
N MET B 159 -17.04 20.86 0.85
CA MET B 159 -17.14 19.41 0.58
C MET B 159 -16.40 18.96 -0.62
N SER B 160 -16.62 19.65 -1.74
CA SER B 160 -16.00 19.19 -2.97
C SER B 160 -14.54 19.31 -2.94
N MET B 161 -14.04 20.42 -2.41
CA MET B 161 -12.59 20.54 -2.26
C MET B 161 -12.02 19.49 -1.30
N ALA B 162 -12.69 19.30 -0.18
CA ALA B 162 -12.21 18.30 0.81
C ALA B 162 -12.20 16.92 0.15
N GLN B 163 -13.27 16.58 -0.61
CA GLN B 163 -13.30 15.30 -1.34
C GLN B 163 -12.20 15.15 -2.38
N THR B 164 -11.95 16.22 -3.14
CA THR B 164 -10.85 16.21 -4.11
C THR B 164 -9.51 15.99 -3.43
N VAL B 165 -9.27 16.72 -2.35
CA VAL B 165 -7.98 16.56 -1.65
C VAL B 165 -7.80 15.14 -1.03
N SER B 166 -8.87 14.58 -0.47
CA SER B 166 -8.81 13.22 0.06
CA SER B 166 -8.82 13.21 0.07
C SER B 166 -8.44 12.22 -1.04
N LYS B 167 -9.02 12.40 -2.23
CA LYS B 167 -8.65 11.53 -3.37
C LYS B 167 -7.17 11.62 -3.72
N LEU B 168 -6.62 12.84 -3.69
CA LEU B 168 -5.23 13.03 -4.05
C LEU B 168 -4.27 12.59 -2.99
N ILE B 169 -4.61 12.81 -1.74
CA ILE B 169 -3.71 12.53 -0.63
C ILE B 169 -3.81 11.13 -0.10
N PHE B 170 -5.02 10.61 -0.05
CA PHE B 170 -5.32 9.32 0.54
C PHE B 170 -5.79 8.25 -0.42
N GLY B 171 -6.45 8.64 -1.50
CA GLY B 171 -6.96 7.69 -2.50
C GLY B 171 -5.95 7.23 -3.55
N ASP B 172 -6.47 6.55 -4.60
CA ASP B 172 -5.60 5.94 -5.65
C ASP B 172 -5.20 6.79 -6.82
N THR B 173 -5.61 8.07 -6.84
CA THR B 173 -5.54 8.88 -8.03
C THR B 173 -4.15 9.06 -8.59
N LEU B 174 -3.21 9.42 -7.72
CA LEU B 174 -1.86 9.74 -8.16
C LEU B 174 -1.01 8.48 -8.14
N THR B 175 0.09 8.50 -8.85
CA THR B 175 1.11 7.44 -8.66
C THR B 175 1.61 7.48 -7.23
N TYR B 176 2.20 6.37 -6.75
CA TYR B 176 2.66 6.33 -5.42
C TYR B 176 3.73 7.40 -5.22
N LYS B 177 4.60 7.53 -6.20
CA LYS B 177 5.69 8.54 -6.12
C LYS B 177 5.11 9.97 -6.00
N SER B 178 4.20 10.32 -6.86
CA SER B 178 3.57 11.67 -6.81
C SER B 178 2.73 11.98 -5.58
N LYS B 179 1.99 11.00 -5.11
CA LYS B 179 1.29 11.12 -3.85
CA LYS B 179 1.28 11.11 -3.84
C LYS B 179 2.24 11.49 -2.74
N GLY B 180 3.39 10.79 -2.63
CA GLY B 180 4.38 11.10 -1.58
C GLY B 180 4.97 12.51 -1.79
N GLN B 181 5.19 12.89 -3.05
CA GLN B 181 5.75 14.22 -3.40
C GLN B 181 4.83 15.34 -2.91
N LEU B 182 3.57 15.17 -3.22
CA LEU B 182 2.55 16.14 -2.93
C LEU B 182 2.35 16.26 -1.44
N ARG B 183 2.25 15.15 -0.72
CA ARG B 183 2.10 15.16 0.74
C ARG B 183 3.24 15.88 1.46
N ARG B 184 4.47 15.54 1.10
CA ARG B 184 5.65 16.18 1.68
C ARG B 184 5.65 17.68 1.39
N LEU B 185 5.20 18.07 0.21
CA LEU B 185 5.23 19.50 -0.15
C LEU B 185 4.19 20.24 0.70
N LEU B 186 3.04 19.62 0.90
CA LEU B 186 1.92 20.29 1.67
C LEU B 186 2.23 20.33 3.15
N ILE B 187 2.89 19.29 3.69
CA ILE B 187 3.33 19.32 5.09
C ILE B 187 4.28 20.50 5.36
N GLY B 188 5.18 20.72 4.42
CA GLY B 188 6.11 21.86 4.44
C GLY B 188 5.55 23.23 4.04
N ASN B 189 4.27 23.31 3.77
CA ASN B 189 3.66 24.59 3.56
C ASN B 189 4.10 25.59 4.62
N GLN B 190 4.38 26.80 4.17
CA GLN B 190 4.81 27.89 5.04
C GLN B 190 3.73 28.90 5.47
N THR B 191 2.57 28.90 4.83
CA THR B 191 1.55 29.93 5.07
C THR B 191 0.43 29.54 6.02
N GLY B 192 0.46 28.31 6.55
CA GLY B 192 -0.69 27.79 7.27
C GLY B 192 -0.48 27.54 8.74
N ASP B 193 0.59 28.08 9.34
CA ASP B 193 0.89 27.73 10.72
C ASP B 193 -0.17 28.28 11.72
N LYS B 194 -0.86 29.34 11.36
CA LYS B 194 -1.87 30.00 12.23
C LYS B 194 -3.34 29.60 11.90
N THR B 195 -3.51 28.76 10.87
CA THR B 195 -4.82 28.41 10.41
C THR B 195 -5.24 27.02 10.93
N ILE B 196 -5.63 26.08 10.06
CA ILE B 196 -6.21 24.85 10.56
C ILE B 196 -5.20 24.15 11.49
N ARG B 197 -3.92 24.19 11.15
CA ARG B 197 -2.90 23.53 12.01
C ARG B 197 -2.90 23.98 13.46
N ALA B 198 -3.25 25.23 13.66
CA ALA B 198 -3.33 25.80 14.99
C ALA B 198 -4.48 25.31 15.80
N GLY B 199 -5.45 24.64 15.17
CA GLY B 199 -6.52 23.97 15.85
C GLY B 199 -6.42 22.50 16.13
N LEU B 200 -5.30 21.88 15.75
CA LEU B 200 -5.10 20.47 15.78
C LEU B 200 -3.94 20.16 16.66
N PRO B 201 -3.96 19.01 17.33
CA PRO B 201 -2.82 18.71 18.17
C PRO B 201 -1.51 18.71 17.40
N ASP B 202 -0.45 19.23 18.04
CA ASP B 202 0.87 19.33 17.45
C ASP B 202 1.45 17.96 17.10
N SER B 203 0.92 16.89 17.69
CA SER B 203 1.45 15.54 17.41
C SER B 203 0.89 14.93 16.15
N TRP B 204 -0.14 15.55 15.55
CA TRP B 204 -0.74 14.99 14.33
C TRP B 204 0.02 15.40 13.08
N VAL B 205 0.20 14.49 12.12
CA VAL B 205 0.76 14.89 10.83
C VAL B 205 -0.27 15.77 10.08
N THR B 206 0.14 16.95 9.60
CA THR B 206 -0.77 17.86 8.88
CA THR B 206 -0.75 17.89 8.86
C THR B 206 -0.07 18.53 7.69
N GLY B 207 -0.84 18.70 6.61
CA GLY B 207 -0.36 19.42 5.46
C GLY B 207 -1.53 20.25 4.99
N ASP B 208 -1.26 21.36 4.34
CA ASP B 208 -2.36 22.27 3.94
C ASP B 208 -2.03 23.20 2.81
N LYS B 209 -3.07 23.79 2.20
CA LYS B 209 -2.91 24.86 1.27
C LYS B 209 -3.94 25.97 1.67
N THR B 210 -3.45 27.19 1.90
CA THR B 210 -4.30 28.34 2.29
C THR B 210 -4.74 29.16 1.09
N GLY B 211 -5.62 30.12 1.34
CA GLY B 211 -5.83 31.17 0.38
C GLY B 211 -6.35 32.43 1.07
N SER B 212 -6.01 33.56 0.49
CA SER B 212 -6.55 34.87 0.95
C SER B 212 -7.07 35.56 -0.30
N CYS B 213 -8.33 35.99 -0.24
CA CYS B 213 -9.04 36.35 -1.44
C CYS B 213 -9.81 37.61 -1.14
N ALA B 214 -10.53 38.08 -2.15
CA ALA B 214 -11.32 39.29 -2.05
C ALA B 214 -12.46 39.13 -1.06
N ASN B 215 -13.05 40.26 -0.71
CA ASN B 215 -14.18 40.26 0.21
C ASN B 215 -13.89 39.59 1.56
N GLY B 216 -12.66 39.78 2.04
CA GLY B 216 -12.28 39.22 3.31
C GLY B 216 -12.18 37.69 3.29
N GLY B 217 -11.96 37.12 2.12
CA GLY B 217 -11.79 35.65 1.96
C GLY B 217 -10.53 35.14 2.63
N ARG B 218 -10.69 34.13 3.45
CA ARG B 218 -9.56 33.48 4.10
C ARG B 218 -9.91 32.02 4.30
N ASN B 219 -9.13 31.16 3.63
CA ASN B 219 -9.53 29.80 3.47
C ASN B 219 -8.31 28.89 3.76
N ASP B 220 -8.60 27.65 4.05
CA ASP B 220 -7.53 26.64 4.29
C ASP B 220 -8.10 25.26 4.01
N VAL B 221 -7.32 24.38 3.38
CA VAL B 221 -7.72 23.00 3.27
C VAL B 221 -6.50 22.17 3.69
N ALA B 222 -6.70 21.26 4.64
CA ALA B 222 -5.68 20.46 5.28
C ALA B 222 -6.05 19.01 5.28
N PHE B 223 -5.04 18.15 5.13
CA PHE B 223 -5.16 16.77 5.51
C PHE B 223 -4.42 16.51 6.79
N PHE B 224 -4.93 15.56 7.56
CA PHE B 224 -4.25 15.20 8.79
C PHE B 224 -4.44 13.76 9.14
N ILE B 225 -3.49 13.27 9.93
CA ILE B 225 -3.48 11.90 10.38
C ILE B 225 -3.26 11.94 11.87
N THR B 226 -4.20 11.37 12.62
CA THR B 226 -4.16 11.41 14.04
C THR B 226 -3.09 10.40 14.54
N THR B 227 -2.77 10.51 15.82
CA THR B 227 -1.77 9.61 16.41
C THR B 227 -2.33 8.16 16.38
N ALA B 228 -3.66 8.00 16.28
CA ALA B 228 -4.30 6.67 16.04
C ALA B 228 -4.36 6.26 14.57
N GLY B 229 -3.74 7.04 13.71
CA GLY B 229 -3.59 6.69 12.33
C GLY B 229 -4.86 6.91 11.50
N LYS B 230 -5.81 7.68 12.03
CA LYS B 230 -7.08 7.94 11.31
C LYS B 230 -6.89 9.15 10.41
N LYS B 231 -7.39 9.10 9.18
CA LYS B 231 -7.02 10.01 8.12
C LYS B 231 -8.23 10.89 7.75
N TYR B 232 -8.01 12.20 7.63
CA TYR B 232 -9.08 13.17 7.35
C TYR B 232 -8.64 14.31 6.42
N VAL B 233 -9.62 14.99 5.82
CA VAL B 233 -9.38 16.24 5.18
C VAL B 233 -10.41 17.20 5.74
N LEU B 234 -9.94 18.37 6.11
CA LEU B 234 -10.82 19.43 6.63
C LEU B 234 -10.65 20.66 5.73
N SER B 235 -11.78 21.16 5.18
CA SER B 235 -11.77 22.41 4.48
CA SER B 235 -11.86 22.42 4.45
C SER B 235 -12.51 23.46 5.34
N VAL B 236 -11.94 24.66 5.37
CA VAL B 236 -12.57 25.82 5.97
C VAL B 236 -12.45 27.00 5.00
N TYR B 237 -13.63 27.53 4.55
CA TYR B 237 -13.71 28.72 3.69
C TYR B 237 -14.46 29.76 4.51
N THR B 238 -13.88 30.95 4.61
CA THR B 238 -14.49 32.06 5.37
C THR B 238 -14.47 33.34 4.56
N ASN B 239 -15.47 34.16 4.80
CA ASN B 239 -15.44 35.50 4.32
C ASN B 239 -15.77 36.36 5.50
N ALA B 240 -14.78 37.14 5.98
CA ALA B 240 -14.93 37.91 7.23
C ALA B 240 -14.33 39.30 7.03
N PRO B 241 -14.97 40.09 6.17
CA PRO B 241 -14.46 41.38 5.81
C PRO B 241 -14.35 42.34 7.00
N GLU B 242 -15.07 42.14 8.10
CA GLU B 242 -14.97 43.04 9.25
C GLU B 242 -13.84 42.67 10.22
N LEU B 243 -13.29 41.46 10.08
CA LEU B 243 -12.09 41.09 10.82
C LEU B 243 -10.81 41.53 10.17
N GLN B 244 -9.79 41.76 10.99
CA GLN B 244 -8.43 42.02 10.51
C GLN B 244 -7.81 40.69 10.17
N GLY B 245 -6.70 40.75 9.45
CA GLY B 245 -5.87 39.56 9.10
C GLY B 245 -5.66 38.48 10.14
N GLU B 246 -5.00 38.81 11.27
CA GLU B 246 -4.74 37.81 12.32
C GLU B 246 -6.01 37.20 12.88
N GLU B 247 -7.08 38.00 12.98
CA GLU B 247 -8.31 37.53 13.52
C GLU B 247 -8.98 36.55 12.56
N ARG B 248 -8.77 36.74 11.28
CA ARG B 248 -9.33 35.79 10.30
C ARG B 248 -8.64 34.42 10.48
N ALA B 249 -7.35 34.41 10.79
CA ALA B 249 -6.66 33.12 11.06
C ALA B 249 -7.12 32.50 12.37
N LEU B 250 -7.35 33.31 13.42
CA LEU B 250 -7.93 32.81 14.67
C LEU B 250 -9.27 32.16 14.44
N LEU B 251 -10.08 32.74 13.57
CA LEU B 251 -11.37 32.19 13.24
C LEU B 251 -11.23 30.83 12.57
N ILE B 252 -10.32 30.69 11.60
CA ILE B 252 -10.14 29.40 10.98
C ILE B 252 -9.68 28.37 12.01
N ALA B 253 -8.70 28.76 12.80
CA ALA B 253 -8.20 27.85 13.82
C ALA B 253 -9.29 27.41 14.80
N SER B 254 -10.20 28.32 15.15
CA SER B 254 -11.33 27.97 16.01
C SER B 254 -12.28 27.01 15.40
N VAL B 255 -12.60 27.24 14.14
CA VAL B 255 -13.47 26.32 13.40
C VAL B 255 -12.81 24.94 13.36
N ALA B 256 -11.51 24.86 13.09
CA ALA B 256 -10.78 23.58 13.12
C ALA B 256 -10.82 22.88 14.47
N LYS B 257 -10.64 23.69 15.51
CA LYS B 257 -10.75 23.19 16.90
C LYS B 257 -12.12 22.56 17.18
N LEU B 258 -13.19 23.21 16.71
CA LEU B 258 -14.53 22.67 16.86
C LEU B 258 -14.76 21.41 16.03
N ALA B 259 -14.36 21.45 14.75
CA ALA B 259 -14.58 20.31 13.90
C ALA B 259 -13.78 19.08 14.37
N ARG B 260 -12.62 19.29 14.93
CA ARG B 260 -11.79 18.11 15.34
C ARG B 260 -12.40 17.32 16.51
N GLN B 261 -13.34 17.90 17.24
CA GLN B 261 -14.12 17.14 18.21
C GLN B 261 -14.85 15.92 17.60
N TYR B 262 -15.07 15.93 16.29
CA TYR B 262 -15.81 14.89 15.59
C TYR B 262 -14.94 13.82 14.94
N VAL B 263 -13.65 13.85 15.20
CA VAL B 263 -12.72 12.79 14.71
C VAL B 263 -12.96 11.42 15.36
N ASP C 3 37.55 56.54 -0.63
CA ASP C 3 37.87 55.18 -1.07
C ASP C 3 37.04 54.17 -0.24
N PHE C 4 37.11 52.88 -0.56
CA PHE C 4 36.23 51.91 0.08
C PHE C 4 36.50 51.96 1.60
N GLU C 5 37.76 51.98 1.98
CA GLU C 5 38.08 51.94 3.44
C GLU C 5 37.42 53.08 4.24
N HIS C 6 37.51 54.27 3.72
CA HIS C 6 36.97 55.45 4.38
C HIS C 6 35.45 55.48 4.39
N ALA C 7 34.87 54.99 3.31
CA ALA C 7 33.42 54.86 3.26
C ALA C 7 32.92 53.81 4.24
N ILE C 8 33.59 52.66 4.38
CA ILE C 8 33.11 51.66 5.35
C ILE C 8 33.34 52.20 6.79
N SER C 9 34.50 52.82 7.00
CA SER C 9 34.79 53.37 8.33
C SER C 9 33.66 54.40 8.71
N ASP C 10 33.22 55.19 7.76
CA ASP C 10 32.10 56.15 8.00
C ASP C 10 30.80 55.47 8.40
N LEU C 11 30.47 54.39 7.69
CA LEU C 11 29.31 53.58 8.09
C LEU C 11 29.40 53.04 9.50
N GLU C 12 30.58 52.58 9.87
CA GLU C 12 30.82 52.12 11.22
C GLU C 12 30.56 53.21 12.23
N ALA C 13 31.18 54.35 11.99
CA ALA C 13 31.00 55.47 12.93
C ALA C 13 29.53 55.92 13.08
N HIS C 14 28.83 56.10 11.94
CA HIS C 14 27.45 56.53 11.94
C HIS C 14 26.49 55.54 12.62
N ASN C 15 26.78 54.26 12.51
CA ASN C 15 25.85 53.26 13.02
C ASN C 15 26.34 52.59 14.30
N GLN C 16 27.43 53.09 14.89
CA GLN C 16 28.07 52.46 16.06
C GLN C 16 28.27 50.94 15.86
N ALA C 17 28.84 50.60 14.71
CA ALA C 17 28.86 49.22 14.28
C ALA C 17 30.26 48.81 13.89
N LYS C 18 30.52 47.52 14.00
CA LYS C 18 31.65 46.91 13.39
C LYS C 18 31.26 46.19 12.12
N ILE C 19 32.00 46.41 11.04
CA ILE C 19 31.72 45.82 9.72
C ILE C 19 33.00 45.19 9.20
N GLY C 20 32.84 44.01 8.70
CA GLY C 20 33.91 43.29 7.98
C GLY C 20 33.35 42.90 6.63
N VAL C 21 34.13 43.10 5.58
CA VAL C 21 33.57 42.87 4.23
C VAL C 21 34.69 42.50 3.29
N ALA C 22 34.43 41.57 2.40
CA ALA C 22 35.36 41.23 1.35
C ALA C 22 34.56 41.04 0.08
N LEU C 23 35.05 41.68 -0.99
CA LEU C 23 34.54 41.46 -2.36
C LEU C 23 35.67 40.73 -3.08
N VAL C 24 35.39 39.57 -3.61
CA VAL C 24 36.37 38.83 -4.35
C VAL C 24 35.84 38.47 -5.74
N SER C 25 36.78 38.10 -6.62
CA SER C 25 36.47 37.71 -7.96
C SER C 25 36.01 36.26 -8.00
N GLU C 26 35.65 35.84 -9.22
CA GLU C 26 35.18 34.52 -9.49
C GLU C 26 36.13 33.47 -8.91
N ASN C 27 37.42 33.75 -8.98
CA ASN C 27 38.45 32.83 -8.51
C ASN C 27 38.97 33.11 -7.09
N GLY C 28 38.27 33.97 -6.32
CA GLY C 28 38.60 34.23 -4.91
C GLY C 28 39.62 35.32 -4.66
N ASN C 29 40.04 36.02 -5.70
CA ASN C 29 41.05 37.11 -5.51
C ASN C 29 40.45 38.34 -4.88
N LEU C 30 41.08 38.85 -3.84
CA LEU C 30 40.54 40.04 -3.17
C LEU C 30 40.47 41.27 -4.13
N ILE C 31 39.31 41.88 -4.18
CA ILE C 31 39.12 43.10 -4.90
C ILE C 31 39.07 44.27 -3.96
N GLN C 32 38.23 44.21 -2.93
CA GLN C 32 38.17 45.27 -1.97
C GLN C 32 37.88 44.59 -0.64
N GLY C 33 38.45 45.10 0.42
CA GLY C 33 38.01 44.63 1.71
C GLY C 33 38.20 45.60 2.84
N TYR C 34 37.61 45.27 3.98
CA TYR C 34 37.69 46.14 5.16
C TYR C 34 37.52 45.23 6.33
N ARG C 35 38.50 45.22 7.22
CA ARG C 35 38.56 44.20 8.27
C ARG C 35 38.38 42.78 7.70
N ALA C 36 38.91 42.56 6.51
CA ALA C 36 38.67 41.34 5.76
C ALA C 36 39.34 40.15 6.39
N ASN C 37 40.39 40.39 7.19
CA ASN C 37 41.08 39.29 7.88
C ASN C 37 40.80 39.28 9.39
N GLU C 38 39.75 39.98 9.82
CA GLU C 38 39.37 39.95 11.22
C GLU C 38 38.30 38.85 11.42
N ARG C 39 38.29 38.20 12.58
CA ARG C 39 37.32 37.10 12.83
C ARG C 39 35.96 37.62 13.26
N PHE C 40 34.90 37.06 12.67
CA PHE C 40 33.52 37.29 13.08
C PHE C 40 32.85 35.91 13.32
N ALA C 41 31.82 35.87 14.16
CA ALA C 41 31.07 34.67 14.39
C ALA C 41 30.24 34.31 13.16
N MET C 42 30.34 33.05 12.72
CA MET C 42 29.52 32.58 11.59
C MET C 42 28.43 31.64 12.06
N CYS C 43 27.57 32.17 12.93
CA CYS C 43 26.56 31.36 13.61
C CYS C 43 25.54 30.78 12.66
N SER C 44 25.43 31.31 11.44
CA SER C 44 24.51 30.74 10.45
C SER C 44 25.11 30.47 9.08
N THR C 45 26.04 31.32 8.68
CA THR C 45 26.61 31.25 7.31
C THR C 45 27.46 29.98 7.13
N PHE C 46 27.86 29.34 8.22
CA PHE C 46 28.46 27.99 8.14
C PHE C 46 27.55 27.03 7.34
N LYS C 47 26.25 27.33 7.25
CA LYS C 47 25.34 26.36 6.64
C LYS C 47 25.54 26.25 5.16
N LEU C 48 26.13 27.26 4.54
CA LEU C 48 26.36 27.22 3.12
C LEU C 48 27.53 26.17 2.83
N PRO C 49 28.70 26.31 3.47
CA PRO C 49 29.71 25.22 3.24
C PRO C 49 29.22 23.87 3.76
N LEU C 50 28.45 23.83 4.85
CA LEU C 50 27.82 22.56 5.27
C LEU C 50 26.99 21.90 4.19
N ALA C 51 26.09 22.67 3.55
CA ALA C 51 25.32 22.16 2.43
C ALA C 51 26.20 21.61 1.31
N ALA C 52 27.25 22.35 0.98
CA ALA C 52 28.18 21.90 -0.04
C ALA C 52 28.86 20.60 0.36
N LEU C 53 29.26 20.45 1.61
CA LEU C 53 29.88 19.19 2.08
C LEU C 53 28.88 18.03 1.90
N VAL C 54 27.64 18.26 2.30
CA VAL C 54 26.60 17.21 2.08
C VAL C 54 26.43 16.89 0.58
N LEU C 55 26.43 17.92 -0.28
CA LEU C 55 26.33 17.69 -1.73
C LEU C 55 27.59 16.94 -2.25
N SER C 56 28.74 17.25 -1.71
CA SER C 56 29.95 16.53 -2.16
C SER C 56 29.92 15.06 -1.73
N ARG C 57 29.23 14.78 -0.62
CA ARG C 57 29.06 13.40 -0.16
C ARG C 57 28.11 12.69 -1.07
N ILE C 58 27.05 13.37 -1.50
CA ILE C 58 26.16 12.83 -2.49
C ILE C 58 26.94 12.54 -3.77
N ASP C 59 27.72 13.51 -4.23
CA ASP C 59 28.55 13.39 -5.45
C ASP C 59 29.46 12.14 -5.43
N ALA C 60 30.00 11.83 -4.26
CA ALA C 60 30.92 10.73 -4.03
C ALA C 60 30.23 9.40 -3.69
N GLY C 61 28.91 9.35 -3.81
CA GLY C 61 28.15 8.11 -3.56
C GLY C 61 28.04 7.73 -2.11
N GLU C 62 28.43 8.62 -1.21
CA GLU C 62 28.43 8.38 0.23
C GLU C 62 27.09 8.82 0.89
N GLU C 63 26.19 9.36 0.09
CA GLU C 63 24.93 9.87 0.62
C GLU C 63 23.91 9.92 -0.47
N ASN C 64 22.67 9.74 -0.06
CA ASN C 64 21.51 9.73 -0.91
C ASN C 64 20.64 10.97 -0.63
N PRO C 65 20.30 11.75 -1.67
CA PRO C 65 19.41 12.92 -1.48
C PRO C 65 18.07 12.62 -0.84
N GLU C 66 17.56 11.39 -1.04
CA GLU C 66 16.28 10.99 -0.49
C GLU C 66 16.35 10.27 0.83
N ARG C 67 17.53 10.09 1.41
CA ARG C 67 17.60 9.41 2.63
C ARG C 67 16.86 10.19 3.69
N LYS C 68 16.21 9.46 4.58
CA LYS C 68 15.41 10.05 5.66
C LYS C 68 16.23 10.25 6.90
N LEU C 69 16.36 11.51 7.34
CA LEU C 69 17.10 11.84 8.56
C LEU C 69 16.08 11.91 9.68
N HIS C 70 16.06 10.91 10.56
CA HIS C 70 14.99 10.85 11.57
C HIS C 70 15.25 11.74 12.76
N TYR C 71 14.19 12.27 13.34
CA TYR C 71 14.33 13.03 14.55
C TYR C 71 12.97 13.14 15.27
N ASP C 72 13.00 13.58 16.52
CA ASP C 72 11.74 13.78 17.25
C ASP C 72 11.68 15.17 17.85
N SER C 73 10.68 15.44 18.67
CA SER C 73 10.49 16.80 19.14
C SER C 73 11.64 17.30 20.02
N ALA C 74 12.38 16.38 20.67
CA ALA C 74 13.51 16.78 21.49
C ALA C 74 14.64 17.45 20.65
N PHE C 75 14.70 17.12 19.37
CA PHE C 75 15.73 17.62 18.50
C PHE C 75 15.34 18.98 17.89
N LEU C 76 14.14 19.48 18.14
CA LEU C 76 13.80 20.78 17.63
C LEU C 76 14.61 21.88 18.31
N GLU C 77 14.63 23.02 17.65
CA GLU C 77 15.31 24.22 18.16
C GLU C 77 14.30 25.35 18.12
N GLU C 78 14.62 26.47 18.79
CA GLU C 78 13.67 27.59 18.87
C GLU C 78 13.30 28.18 17.52
N TYR C 79 14.30 28.27 16.64
CA TYR C 79 14.06 28.71 15.31
C TYR C 79 14.28 27.50 14.38
N ALA C 80 13.15 26.87 14.03
CA ALA C 80 13.18 25.69 13.16
C ALA C 80 11.85 25.52 12.45
N PRO C 81 11.52 26.47 11.59
CA PRO C 81 10.10 26.51 11.10
C PRO C 81 9.70 25.31 10.26
N ALA C 82 10.65 24.81 9.46
CA ALA C 82 10.34 23.66 8.61
C ALA C 82 10.40 22.38 9.45
N ALA C 83 11.43 22.27 10.27
CA ALA C 83 11.53 21.02 11.10
C ALA C 83 10.27 20.82 11.98
N LYS C 84 9.72 21.94 12.49
CA LYS C 84 8.52 21.86 13.30
C LYS C 84 7.33 21.32 12.50
N ARG C 85 7.28 21.66 11.21
CA ARG C 85 6.18 21.22 10.36
C ARG C 85 6.30 19.73 10.02
N TYR C 86 7.54 19.23 9.95
CA TYR C 86 7.77 17.82 9.55
C TYR C 86 7.91 16.87 10.74
N VAL C 87 8.04 17.40 11.94
CA VAL C 87 8.38 16.57 13.07
C VAL C 87 7.40 15.41 13.32
N ALA C 88 6.09 15.63 13.10
CA ALA C 88 5.12 14.58 13.32
C ALA C 88 5.35 13.38 12.38
N THR C 89 5.94 13.60 11.19
CA THR C 89 6.29 12.49 10.31
C THR C 89 7.54 11.71 10.79
N GLY C 90 8.37 12.33 11.60
CA GLY C 90 9.56 11.70 12.15
C GLY C 90 10.83 11.87 11.38
N TYR C 91 10.79 12.57 10.26
CA TYR C 91 11.96 12.80 9.45
C TYR C 91 11.84 13.95 8.48
N MET C 92 13.03 14.39 8.01
CA MET C 92 13.17 15.20 6.81
C MET C 92 14.22 14.48 5.95
N THR C 93 14.02 14.49 4.65
CA THR C 93 15.02 13.94 3.78
C THR C 93 16.30 14.84 3.79
N VAL C 94 17.40 14.29 3.34
CA VAL C 94 18.62 15.09 3.14
C VAL C 94 18.33 16.35 2.30
N THR C 95 17.58 16.17 1.22
CA THR C 95 17.27 17.24 0.33
C THR C 95 16.40 18.31 1.01
N GLU C 96 15.36 17.90 1.72
CA GLU C 96 14.53 18.87 2.47
C GLU C 96 15.32 19.54 3.56
N ALA C 97 16.20 18.80 4.28
CA ALA C 97 17.13 19.43 5.24
C ALA C 97 18.09 20.53 4.65
N ILE C 98 18.72 20.24 3.50
CA ILE C 98 19.52 21.22 2.79
C ILE C 98 18.65 22.43 2.45
N GLN C 99 17.48 22.21 1.87
CA GLN C 99 16.73 23.31 1.38
C GLN C 99 16.31 24.20 2.53
N SER C 100 15.87 23.60 3.61
CA SER C 100 15.35 24.35 4.79
C SER C 100 16.49 25.01 5.54
N ALA C 101 17.64 24.35 5.62
CA ALA C 101 18.77 24.97 6.34
C ALA C 101 19.28 26.22 5.58
N LEU C 102 19.25 26.16 4.25
CA LEU C 102 19.76 27.21 3.45
C LEU C 102 18.70 28.32 3.31
N GLN C 103 17.51 27.98 2.87
CA GLN C 103 16.52 29.02 2.45
C GLN C 103 15.73 29.62 3.58
N LEU C 104 15.60 28.92 4.69
CA LEU C 104 14.94 29.45 5.88
C LEU C 104 15.92 29.64 7.05
N SER C 105 17.12 29.11 6.91
CA SER C 105 18.07 29.04 8.04
C SER C 105 17.52 28.28 9.21
N ASP C 106 16.76 27.23 8.91
CA ASP C 106 16.26 26.34 9.93
C ASP C 106 17.42 25.71 10.77
N ASN C 107 17.40 25.91 12.09
CA ASN C 107 18.51 25.41 12.93
C ASN C 107 18.44 23.91 13.15
N ALA C 108 17.24 23.37 13.27
CA ALA C 108 17.15 21.90 13.41
C ALA C 108 17.56 21.18 12.13
N ALA C 109 17.14 21.72 10.99
CA ALA C 109 17.59 21.15 9.72
C ALA C 109 19.13 21.18 9.58
N ALA C 110 19.74 22.29 9.98
CA ALA C 110 21.18 22.38 9.96
C ALA C 110 21.84 21.36 10.86
N ASN C 111 21.28 21.20 12.07
CA ASN C 111 21.77 20.17 12.99
C ASN C 111 21.63 18.75 12.45
N LEU C 112 20.59 18.48 11.67
CA LEU C 112 20.44 17.17 11.06
C LEU C 112 21.59 16.93 10.08
N LEU C 113 21.97 17.99 9.37
CA LEU C 113 23.04 17.88 8.38
C LEU C 113 24.37 17.77 9.05
N LEU C 114 24.54 18.49 10.14
CA LEU C 114 25.80 18.41 10.93
C LEU C 114 26.03 16.99 11.41
N LYS C 115 24.95 16.36 11.87
CA LYS C 115 25.02 14.96 12.30
C LYS C 115 25.44 14.08 11.15
N GLU C 116 24.81 14.28 10.00
CA GLU C 116 25.03 13.50 8.82
C GLU C 116 26.47 13.51 8.42
N VAL C 117 27.14 14.67 8.57
CA VAL C 117 28.50 14.78 8.04
C VAL C 117 29.58 14.33 8.99
N GLY C 118 29.25 14.00 10.23
CA GLY C 118 30.28 13.67 11.20
C GLY C 118 30.51 14.72 12.27
N GLY C 119 29.79 15.85 12.23
CA GLY C 119 29.81 16.80 13.33
C GLY C 119 30.69 17.99 12.97
N PRO C 120 30.71 19.03 13.83
CA PRO C 120 31.59 20.20 13.62
C PRO C 120 33.07 19.97 13.16
N PRO C 121 33.81 18.98 13.72
CA PRO C 121 35.16 18.70 13.23
C PRO C 121 35.30 18.38 11.77
N LEU C 122 34.29 17.71 11.25
CA LEU C 122 34.31 17.25 9.91
C LEU C 122 34.01 18.39 8.93
N LEU C 123 33.14 19.31 9.35
CA LEU C 123 32.96 20.53 8.58
C LEU C 123 34.27 21.35 8.58
N THR C 124 34.89 21.51 9.73
CA THR C 124 36.16 22.21 9.81
C THR C 124 37.21 21.53 8.90
N LYS C 125 37.23 20.20 8.85
CA LYS C 125 38.18 19.52 7.97
C LYS C 125 37.91 19.80 6.49
N TYR C 126 36.61 19.89 6.13
CA TYR C 126 36.19 20.27 4.79
C TYR C 126 36.69 21.67 4.40
N PHE C 127 36.45 22.69 5.23
CA PHE C 127 37.00 24.02 4.96
C PHE C 127 38.51 23.85 4.67
N ARG C 128 39.26 23.23 5.58
CA ARG C 128 40.71 23.03 5.30
C ARG C 128 40.97 22.34 3.98
N SER C 129 40.18 21.34 3.60
CA SER C 129 40.35 20.65 2.30
C SER C 129 40.18 21.55 1.07
N LEU C 130 39.41 22.63 1.22
CA LEU C 130 39.23 23.61 0.18
C LEU C 130 40.34 24.72 0.19
N GLY C 131 41.25 24.69 1.17
CA GLY C 131 42.30 25.70 1.28
C GLY C 131 41.90 26.84 2.19
N ASP C 132 40.74 26.75 2.85
CA ASP C 132 40.39 27.72 3.92
C ASP C 132 41.05 27.24 5.22
N LYS C 133 42.13 27.92 5.63
CA LYS C 133 42.91 27.57 6.85
C LYS C 133 42.37 28.28 8.13
N VAL C 134 41.33 29.06 7.97
CA VAL C 134 40.86 29.93 9.03
C VAL C 134 39.48 29.60 9.58
N SER C 135 38.49 29.43 8.70
CA SER C 135 37.15 29.09 9.16
C SER C 135 37.13 27.79 9.98
N ARG C 136 36.33 27.81 11.04
CA ARG C 136 36.20 26.67 11.89
C ARG C 136 34.84 26.69 12.53
N LEU C 137 34.28 25.49 12.60
CA LEU C 137 33.04 25.26 13.35
C LEU C 137 33.41 24.31 14.47
N ASP C 138 32.93 24.64 15.66
CA ASP C 138 33.18 23.85 16.89
C ASP C 138 31.93 23.33 17.60
N ARG C 139 30.81 24.04 17.49
CA ARG C 139 29.56 23.67 18.18
C ARG C 139 28.36 23.69 17.23
N ILE C 140 27.27 23.03 17.65
CA ILE C 140 26.03 22.90 16.87
C ILE C 140 25.00 23.94 17.31
N GLU C 141 23.88 24.05 16.59
CA GLU C 141 22.84 25.04 16.92
C GLU C 141 22.11 24.66 18.22
N PRO C 142 21.73 25.63 19.06
CA PRO C 142 22.03 27.05 18.89
C PRO C 142 23.19 27.44 19.84
N THR C 143 23.82 26.42 20.44
CA THR C 143 24.99 26.56 21.32
C THR C 143 26.07 27.43 20.70
N LEU C 144 26.31 27.22 19.40
CA LEU C 144 27.37 27.94 18.66
C LEU C 144 27.23 29.48 18.71
N ASN C 145 26.04 29.97 19.05
CA ASN C 145 25.71 31.39 18.95
C ASN C 145 25.94 32.13 20.29
N GLY C 150 36.03 37.79 22.35
CA GLY C 150 37.10 37.33 21.45
C GLY C 150 37.19 35.83 21.20
N ASP C 151 36.08 35.11 21.39
CA ASP C 151 36.01 33.66 21.16
C ASP C 151 36.32 33.28 19.68
N GLU C 152 37.31 32.41 19.47
CA GLU C 152 37.69 31.95 18.14
C GLU C 152 36.82 30.78 17.60
N ARG C 153 36.06 30.12 18.49
CA ARG C 153 35.18 29.02 18.06
C ARG C 153 34.08 29.53 17.12
N ASP C 154 33.72 28.73 16.14
CA ASP C 154 32.59 29.08 15.24
C ASP C 154 32.74 30.45 14.58
N THR C 155 33.89 30.65 13.99
CA THR C 155 34.24 31.94 13.40
C THR C 155 34.78 31.76 11.99
N THR C 156 34.76 32.86 11.27
CA THR C 156 35.37 32.95 9.90
C THR C 156 35.97 34.36 9.80
N THR C 157 36.47 34.74 8.63
CA THR C 157 36.86 36.13 8.37
C THR C 157 36.11 36.46 7.11
N PRO C 158 35.77 37.73 6.89
CA PRO C 158 35.06 38.05 5.64
C PRO C 158 35.82 37.50 4.39
N MET C 159 37.15 37.66 4.38
CA MET C 159 37.92 37.10 3.21
C MET C 159 37.85 35.57 3.08
N SER C 160 38.00 34.86 4.19
CA SER C 160 37.98 33.41 4.10
C SER C 160 36.65 32.93 3.58
N MET C 161 35.57 33.50 4.09
CA MET C 161 34.27 33.02 3.71
C MET C 161 34.02 33.36 2.28
N ALA C 162 34.33 34.59 1.84
CA ALA C 162 34.15 34.97 0.44
C ALA C 162 34.95 34.06 -0.51
N GLN C 163 36.15 33.74 -0.12
CA GLN C 163 37.00 32.86 -0.94
C GLN C 163 36.43 31.45 -0.96
N THR C 164 36.01 30.93 0.21
CA THR C 164 35.43 29.58 0.27
C THR C 164 34.19 29.51 -0.58
N VAL C 165 33.29 30.48 -0.42
CA VAL C 165 32.08 30.49 -1.19
C VAL C 165 32.36 30.58 -2.71
N SER C 166 33.31 31.42 -3.13
CA SER C 166 33.64 31.52 -4.56
C SER C 166 34.08 30.17 -5.11
N LYS C 167 34.87 29.46 -4.31
CA LYS C 167 35.32 28.08 -4.68
C LYS C 167 34.12 27.15 -4.86
N LEU C 168 33.13 27.24 -3.93
CA LEU C 168 31.99 26.30 -3.94
C LEU C 168 31.06 26.60 -5.09
N ILE C 169 30.78 27.88 -5.35
CA ILE C 169 29.84 28.29 -6.37
C ILE C 169 30.41 28.25 -7.79
N PHE C 170 31.67 28.71 -7.93
CA PHE C 170 32.30 28.95 -9.26
C PHE C 170 33.39 27.98 -9.63
N GLY C 171 33.93 27.32 -8.62
CA GLY C 171 35.00 26.31 -8.72
C GLY C 171 34.46 24.94 -9.11
N ASP C 172 35.35 23.95 -9.04
CA ASP C 172 35.03 22.63 -9.52
C ASP C 172 35.08 21.52 -8.47
N THR C 173 35.04 21.84 -7.16
CA THR C 173 35.00 20.71 -6.20
C THR C 173 33.63 20.01 -6.18
N LEU C 174 32.55 20.71 -6.54
CA LEU C 174 31.26 20.05 -6.71
C LEU C 174 31.07 19.73 -8.17
N THR C 175 30.29 18.69 -8.42
CA THR C 175 29.91 18.35 -9.77
C THR C 175 29.07 19.48 -10.35
N TYR C 176 29.02 19.54 -11.67
CA TYR C 176 28.19 20.54 -12.35
C TYR C 176 26.76 20.45 -11.80
N LYS C 177 26.26 19.24 -11.63
CA LYS C 177 24.93 19.05 -11.09
C LYS C 177 24.73 19.60 -9.68
N SER C 178 25.62 19.25 -8.73
CA SER C 178 25.47 19.77 -7.36
C SER C 178 25.73 21.30 -7.28
N LYS C 179 26.70 21.76 -8.06
CA LYS C 179 26.94 23.17 -8.20
C LYS C 179 25.66 23.94 -8.62
N GLY C 180 25.02 23.50 -9.69
CA GLY C 180 23.72 24.02 -10.12
C GLY C 180 22.64 23.97 -9.02
N GLN C 181 22.61 22.90 -8.27
CA GLN C 181 21.57 22.76 -7.25
C GLN C 181 21.80 23.81 -6.15
N LEU C 182 23.04 23.89 -5.71
CA LEU C 182 23.44 24.85 -4.67
C LEU C 182 23.12 26.29 -5.10
N ARG C 183 23.48 26.65 -6.32
CA ARG C 183 23.23 27.98 -6.79
C ARG C 183 21.75 28.33 -6.87
N ARG C 184 20.91 27.43 -7.41
CA ARG C 184 19.46 27.74 -7.43
C ARG C 184 18.85 27.78 -6.05
N LEU C 185 19.32 26.94 -5.13
CA LEU C 185 18.86 27.06 -3.75
C LEU C 185 19.17 28.41 -3.14
N LEU C 186 20.38 28.88 -3.37
CA LEU C 186 20.83 30.16 -2.80
C LEU C 186 20.08 31.32 -3.43
N ILE C 187 19.80 31.22 -4.73
CA ILE C 187 19.04 32.27 -5.37
C ILE C 187 17.61 32.39 -4.77
N GLY C 188 17.02 31.27 -4.37
CA GLY C 188 15.73 31.21 -3.77
C GLY C 188 15.70 31.41 -2.27
N ASN C 189 16.84 31.79 -1.70
CA ASN C 189 16.88 32.08 -0.29
C ASN C 189 15.73 32.97 0.07
N GLN C 190 15.07 32.72 1.19
CA GLN C 190 13.97 33.56 1.63
C GLN C 190 14.30 34.66 2.62
N THR C 191 15.50 34.63 3.20
CA THR C 191 15.85 35.50 4.35
C THR C 191 16.66 36.76 4.01
N GLY C 192 17.04 36.90 2.74
CA GLY C 192 18.03 37.88 2.29
C GLY C 192 17.52 38.93 1.35
N ASP C 193 16.19 39.11 1.34
CA ASP C 193 15.59 40.08 0.42
C ASP C 193 16.02 41.54 0.75
N LYS C 194 16.34 41.81 2.00
CA LYS C 194 16.63 43.16 2.50
C LYS C 194 18.08 43.40 2.82
N THR C 195 18.93 42.43 2.53
CA THR C 195 20.36 42.54 2.84
C THR C 195 21.16 42.75 1.54
N ILE C 196 22.18 41.94 1.22
CA ILE C 196 23.04 42.27 0.11
C ILE C 196 22.27 42.51 -1.20
N ARG C 197 21.36 41.62 -1.53
CA ARG C 197 20.74 41.76 -2.82
C ARG C 197 19.88 43.02 -2.93
N ALA C 198 19.49 43.59 -1.77
CA ALA C 198 18.75 44.86 -1.75
C ALA C 198 19.65 46.04 -2.21
N GLY C 199 20.99 45.83 -2.15
CA GLY C 199 21.97 46.85 -2.60
C GLY C 199 22.56 46.62 -3.98
N LEU C 200 22.04 45.61 -4.69
CA LEU C 200 22.52 45.24 -6.00
C LEU C 200 21.42 45.48 -7.04
N PRO C 201 21.82 45.75 -8.30
CA PRO C 201 20.83 45.90 -9.38
C PRO C 201 19.93 44.68 -9.50
N ASP C 202 18.65 44.90 -9.74
CA ASP C 202 17.69 43.79 -9.87
C ASP C 202 17.95 42.88 -11.07
N SER C 203 18.70 43.37 -12.04
CA SER C 203 19.02 42.60 -13.21
C SER C 203 20.14 41.62 -13.00
N TRP C 204 20.86 41.75 -11.90
CA TRP C 204 21.94 40.83 -11.58
C TRP C 204 21.38 39.59 -10.88
N VAL C 205 21.87 38.43 -11.26
CA VAL C 205 21.57 37.16 -10.58
C VAL C 205 22.29 37.14 -9.19
N THR C 206 21.60 36.86 -8.08
CA THR C 206 22.27 36.87 -6.77
C THR C 206 21.71 35.75 -5.98
N GLY C 207 22.58 35.03 -5.27
CA GLY C 207 22.16 34.05 -4.27
C GLY C 207 22.91 34.31 -2.99
N ASP C 208 22.31 33.99 -1.84
CA ASP C 208 22.93 34.36 -0.55
C ASP C 208 22.51 33.53 0.61
N LYS C 209 23.28 33.62 1.71
CA LYS C 209 22.95 32.93 2.96
C LYS C 209 23.20 34.00 4.04
N THR C 210 22.19 34.29 4.85
CA THR C 210 22.23 35.29 5.95
C THR C 210 22.63 34.63 7.26
N GLY C 211 22.87 35.47 8.25
CA GLY C 211 22.90 35.01 9.64
C GLY C 211 22.54 36.16 10.57
N SER C 212 21.91 35.79 11.68
CA SER C 212 21.70 36.76 12.79
C SER C 212 22.28 36.07 14.00
N CYS C 213 23.16 36.78 14.72
CA CYS C 213 23.96 36.20 15.75
C CYS C 213 23.91 37.09 16.99
N ALA C 214 24.49 36.57 18.06
CA ALA C 214 24.59 37.31 19.30
C ALA C 214 25.32 38.65 19.16
N ASN C 215 25.04 39.55 20.11
CA ASN C 215 25.70 40.88 20.16
C ASN C 215 25.44 41.69 18.90
N GLY C 216 24.22 41.57 18.40
CA GLY C 216 23.75 42.34 17.30
C GLY C 216 24.38 41.91 15.96
N GLY C 217 24.81 40.66 15.91
CA GLY C 217 25.34 40.09 14.65
C GLY C 217 24.30 40.05 13.58
N ARG C 218 24.62 40.61 12.44
CA ARG C 218 23.81 40.50 11.24
C ARG C 218 24.70 40.43 10.00
N ASN C 219 24.61 39.30 9.29
CA ASN C 219 25.59 38.94 8.32
C ASN C 219 24.94 38.46 7.03
N ASP C 220 25.68 38.47 5.94
CA ASP C 220 25.19 37.93 4.66
C ASP C 220 26.44 37.59 3.78
N VAL C 221 26.37 36.50 3.07
CA VAL C 221 27.32 36.24 2.04
C VAL C 221 26.57 35.87 0.78
N ALA C 222 26.96 36.50 -0.30
CA ALA C 222 26.28 36.38 -1.58
C ALA C 222 27.22 36.15 -2.73
N PHE C 223 26.75 35.39 -3.72
CA PHE C 223 27.35 35.41 -5.04
C PHE C 223 26.49 36.27 -5.92
N PHE C 224 27.11 36.86 -6.92
CA PHE C 224 26.30 37.55 -7.90
C PHE C 224 26.96 37.54 -9.27
N ILE C 225 26.13 37.70 -10.27
CA ILE C 225 26.56 37.72 -11.66
C ILE C 225 26.00 38.96 -12.31
N THR C 226 26.88 39.79 -12.86
CA THR C 226 26.45 41.05 -13.38
C THR C 226 25.84 40.81 -14.74
N THR C 227 25.21 41.87 -15.27
CA THR C 227 24.63 41.84 -16.62
C THR C 227 25.65 41.42 -17.68
N ALA C 228 26.92 41.73 -17.46
CA ALA C 228 28.00 41.32 -18.39
C ALA C 228 28.60 39.96 -18.12
N GLY C 229 27.96 39.16 -17.28
CA GLY C 229 28.40 37.80 -17.01
C GLY C 229 29.60 37.71 -16.05
N LYS C 230 29.96 38.79 -15.40
CA LYS C 230 31.15 38.72 -14.51
C LYS C 230 30.65 38.29 -13.13
N LYS C 231 31.43 37.47 -12.48
CA LYS C 231 31.00 36.70 -11.32
C LYS C 231 31.82 37.09 -10.09
N TYR C 232 31.13 37.28 -8.96
CA TYR C 232 31.75 37.78 -7.73
C TYR C 232 31.14 37.12 -6.50
N VAL C 233 31.85 37.19 -5.38
CA VAL C 233 31.30 36.91 -4.10
C VAL C 233 31.54 38.10 -3.17
N LEU C 234 30.50 38.48 -2.40
CA LEU C 234 30.62 39.49 -1.37
C LEU C 234 30.21 38.92 -0.02
N SER C 235 31.07 39.07 1.00
CA SER C 235 30.75 38.71 2.35
C SER C 235 30.66 40.00 3.18
N VAL C 236 29.66 40.07 4.05
CA VAL C 236 29.38 41.22 4.93
C VAL C 236 29.02 40.70 6.29
N TYR C 237 29.87 40.96 7.28
CA TYR C 237 29.64 40.61 8.67
C TYR C 237 29.56 41.89 9.46
N THR C 238 28.51 42.06 10.25
CA THR C 238 28.32 43.31 11.01
C THR C 238 27.86 42.97 12.42
N ASN C 239 28.26 43.82 13.36
CA ASN C 239 27.74 43.83 14.73
C ASN C 239 27.31 45.24 15.03
N ALA C 240 26.03 45.42 15.31
CA ALA C 240 25.44 46.74 15.37
C ALA C 240 24.34 46.70 16.40
N PRO C 241 24.73 46.55 17.66
CA PRO C 241 23.82 46.26 18.79
C PRO C 241 22.85 47.40 19.10
N GLU C 242 23.20 48.61 18.69
CA GLU C 242 22.31 49.76 18.90
C GLU C 242 21.28 49.97 17.78
N LEU C 243 21.39 49.24 16.65
CA LEU C 243 20.39 49.33 15.57
C LEU C 243 19.24 48.36 15.75
N GLN C 244 18.09 48.74 15.19
CA GLN C 244 16.94 47.85 15.00
C GLN C 244 17.23 46.85 13.85
N GLY C 245 16.57 45.70 13.91
CA GLY C 245 16.69 44.66 12.89
C GLY C 245 16.60 45.22 11.50
N GLU C 246 15.61 46.07 11.25
CA GLU C 246 15.45 46.62 9.91
C GLU C 246 16.62 47.53 9.50
N GLU C 247 17.15 48.24 10.50
CA GLU C 247 18.30 49.11 10.29
C GLU C 247 19.56 48.27 10.02
N ARG C 248 19.72 47.15 10.70
CA ARG C 248 20.87 46.26 10.46
C ARG C 248 20.86 45.73 9.00
N ALA C 249 19.68 45.38 8.51
CA ALA C 249 19.58 44.84 7.14
C ALA C 249 19.97 45.97 6.22
N LEU C 250 19.41 47.16 6.47
CA LEU C 250 19.79 48.33 5.64
C LEU C 250 21.28 48.61 5.60
N LEU C 251 21.96 48.37 6.70
CA LEU C 251 23.35 48.60 6.76
C LEU C 251 24.11 47.64 5.85
N ILE C 252 23.64 46.38 5.82
CA ILE C 252 24.25 45.43 4.90
C ILE C 252 23.97 45.86 3.46
N ALA C 253 22.76 46.29 3.18
CA ALA C 253 22.43 46.71 1.85
C ALA C 253 23.31 47.90 1.45
N SER C 254 23.55 48.80 2.40
CA SER C 254 24.48 49.97 2.17
C SER C 254 25.92 49.55 1.81
N VAL C 255 26.41 48.54 2.50
CA VAL C 255 27.72 47.99 2.23
C VAL C 255 27.78 47.43 0.83
N ALA C 256 26.75 46.69 0.46
CA ALA C 256 26.74 46.15 -0.89
C ALA C 256 26.64 47.23 -1.98
N LYS C 257 25.92 48.31 -1.71
CA LYS C 257 25.82 49.41 -2.67
C LYS C 257 27.19 50.07 -2.90
N LEU C 258 28.00 50.21 -1.86
CA LEU C 258 29.39 50.66 -2.00
C LEU C 258 30.27 49.68 -2.78
N ALA C 259 30.19 48.41 -2.43
CA ALA C 259 31.05 47.35 -3.04
C ALA C 259 30.73 47.21 -4.53
N ARG C 260 29.47 47.39 -4.90
CA ARG C 260 29.01 47.32 -6.30
C ARG C 260 29.82 48.25 -7.24
N GLN C 261 30.28 49.38 -6.70
CA GLN C 261 31.06 50.38 -7.41
C GLN C 261 32.41 49.88 -7.81
N TYR C 262 32.84 48.72 -7.29
CA TYR C 262 34.15 48.18 -7.55
C TYR C 262 34.16 46.96 -8.44
N VAL C 263 33.03 46.68 -9.10
CA VAL C 263 32.96 45.56 -10.06
C VAL C 263 32.95 46.05 -11.51
N ASP D 3 -19.84 -65.44 -6.54
CA ASP D 3 -20.16 -64.57 -5.38
C ASP D 3 -19.07 -63.52 -5.09
N PHE D 4 -19.41 -62.63 -4.16
CA PHE D 4 -18.58 -61.52 -3.79
C PHE D 4 -17.23 -61.97 -3.30
N GLU D 5 -17.21 -62.99 -2.45
CA GLU D 5 -15.96 -63.53 -1.92
C GLU D 5 -15.06 -63.99 -3.05
N HIS D 6 -15.64 -64.64 -4.05
CA HIS D 6 -14.83 -65.11 -5.14
C HIS D 6 -14.38 -63.97 -6.01
N ALA D 7 -15.23 -62.96 -6.18
CA ALA D 7 -14.81 -61.81 -6.97
C ALA D 7 -13.66 -61.05 -6.31
N ILE D 8 -13.70 -60.85 -4.99
CA ILE D 8 -12.62 -60.10 -4.35
C ILE D 8 -11.33 -60.92 -4.28
N SER D 9 -11.43 -62.22 -4.13
CA SER D 9 -10.22 -63.05 -4.10
CA SER D 9 -10.23 -63.06 -4.09
C SER D 9 -9.57 -63.10 -5.46
N ASP D 10 -10.39 -63.05 -6.53
CA ASP D 10 -9.85 -62.94 -7.89
C ASP D 10 -9.09 -61.62 -8.08
N LEU D 11 -9.67 -60.50 -7.63
CA LEU D 11 -8.95 -59.20 -7.66
C LEU D 11 -7.65 -59.28 -6.88
N GLU D 12 -7.69 -59.87 -5.68
CA GLU D 12 -6.45 -60.06 -4.94
C GLU D 12 -5.36 -60.81 -5.71
N ALA D 13 -5.73 -61.95 -6.28
CA ALA D 13 -4.74 -62.81 -6.94
C ALA D 13 -4.10 -62.10 -8.16
N HIS D 14 -4.94 -61.51 -9.00
CA HIS D 14 -4.46 -60.89 -10.24
C HIS D 14 -3.64 -59.66 -9.98
N ASN D 15 -4.06 -58.90 -8.95
CA ASN D 15 -3.41 -57.63 -8.69
C ASN D 15 -2.31 -57.74 -7.66
N GLN D 16 -2.09 -58.95 -7.16
CA GLN D 16 -1.07 -59.26 -6.14
C GLN D 16 -1.30 -58.34 -4.94
N ALA D 17 -2.57 -58.26 -4.53
CA ALA D 17 -3.07 -57.34 -3.55
C ALA D 17 -3.75 -57.96 -2.35
N LYS D 18 -3.81 -57.18 -1.28
CA LYS D 18 -4.64 -57.53 -0.16
C LYS D 18 -5.78 -56.52 -0.09
N ILE D 19 -7.01 -56.98 0.00
CA ILE D 19 -8.20 -56.10 -0.09
C ILE D 19 -9.10 -56.44 1.07
N GLY D 20 -9.56 -55.39 1.76
CA GLY D 20 -10.53 -55.52 2.86
C GLY D 20 -11.69 -54.59 2.59
N VAL D 21 -12.90 -55.06 2.73
CA VAL D 21 -14.08 -54.24 2.39
C VAL D 21 -15.25 -54.53 3.34
N ALA D 22 -15.95 -53.47 3.77
CA ALA D 22 -17.18 -53.65 4.54
C ALA D 22 -18.21 -52.68 4.02
N LEU D 23 -19.32 -53.21 3.52
CA LEU D 23 -20.52 -52.44 3.24
C LEU D 23 -21.48 -52.62 4.43
N VAL D 24 -21.83 -51.53 5.10
CA VAL D 24 -22.76 -51.57 6.23
C VAL D 24 -23.93 -50.62 6.04
N SER D 25 -25.01 -50.96 6.69
CA SER D 25 -26.23 -50.18 6.62
C SER D 25 -26.07 -49.00 7.59
N GLU D 26 -27.05 -48.10 7.58
CA GLU D 26 -26.98 -46.95 8.40
C GLU D 26 -27.04 -47.31 9.87
N ASN D 27 -27.53 -48.51 10.21
CA ASN D 27 -27.45 -49.05 11.62
C ASN D 27 -26.16 -49.87 11.96
N GLY D 28 -25.15 -49.83 11.11
CA GLY D 28 -23.90 -50.54 11.41
C GLY D 28 -23.85 -52.03 11.06
N ASN D 29 -24.94 -52.60 10.53
CA ASN D 29 -25.01 -54.03 10.23
C ASN D 29 -24.30 -54.34 8.92
N LEU D 30 -23.49 -55.40 8.90
CA LEU D 30 -22.75 -55.74 7.71
C LEU D 30 -23.64 -56.30 6.65
N ILE D 31 -23.49 -55.78 5.46
CA ILE D 31 -24.27 -56.24 4.35
C ILE D 31 -23.42 -57.15 3.50
N GLN D 32 -22.18 -56.76 3.29
CA GLN D 32 -21.28 -57.55 2.51
C GLN D 32 -19.90 -57.20 2.99
N GLY D 33 -19.01 -58.16 2.92
CA GLY D 33 -17.66 -57.91 3.46
C GLY D 33 -16.70 -58.96 2.95
N TYR D 34 -15.43 -58.62 2.98
CA TYR D 34 -14.35 -59.53 2.64
C TYR D 34 -13.19 -59.06 3.47
N ARG D 35 -12.57 -59.96 4.26
CA ARG D 35 -11.53 -59.56 5.20
C ARG D 35 -11.97 -58.35 6.06
N ALA D 36 -13.26 -58.31 6.34
CA ALA D 36 -13.87 -57.17 6.99
C ALA D 36 -13.38 -56.93 8.42
N ASN D 37 -12.87 -57.98 9.07
CA ASN D 37 -12.36 -57.87 10.45
C ASN D 37 -10.86 -58.09 10.54
N GLU D 38 -10.18 -58.03 9.41
CA GLU D 38 -8.70 -58.00 9.43
C GLU D 38 -8.18 -56.59 9.51
N ARG D 39 -7.04 -56.41 10.17
CA ARG D 39 -6.48 -55.10 10.40
C ARG D 39 -5.73 -54.54 9.15
N PHE D 40 -5.95 -53.28 8.84
CA PHE D 40 -5.18 -52.56 7.82
C PHE D 40 -4.71 -51.26 8.42
N ALA D 41 -3.62 -50.70 7.89
CA ALA D 41 -3.09 -49.47 8.42
C ALA D 41 -3.98 -48.30 8.03
N MET D 42 -4.25 -47.46 9.02
CA MET D 42 -5.18 -46.36 8.93
C MET D 42 -4.34 -45.04 8.89
N CYS D 43 -3.52 -44.86 7.87
CA CYS D 43 -2.57 -43.75 7.95
C CYS D 43 -3.19 -42.35 7.64
N SER D 44 -4.37 -42.33 7.05
CA SER D 44 -5.12 -41.10 6.73
C SER D 44 -6.56 -41.02 7.16
N THR D 45 -7.23 -42.16 7.13
CA THR D 45 -8.66 -42.18 7.33
C THR D 45 -9.03 -41.91 8.77
N PHE D 46 -8.05 -41.95 9.67
CA PHE D 46 -8.25 -41.47 11.03
C PHE D 46 -8.74 -40.01 11.12
N LYS D 47 -8.47 -39.22 10.08
CA LYS D 47 -8.81 -37.82 10.12
C LYS D 47 -10.32 -37.58 10.17
N LEU D 48 -11.13 -38.52 9.72
CA LEU D 48 -12.57 -38.37 9.73
C LEU D 48 -13.03 -38.46 11.21
N PRO D 49 -12.74 -39.55 11.91
CA PRO D 49 -13.10 -39.46 13.36
C PRO D 49 -12.42 -38.32 14.16
N LEU D 50 -11.20 -37.99 13.81
CA LEU D 50 -10.57 -36.79 14.40
C LEU D 50 -11.39 -35.51 14.22
N ALA D 51 -11.90 -35.27 13.01
CA ALA D 51 -12.69 -34.10 12.76
C ALA D 51 -13.98 -34.11 13.57
N ALA D 52 -14.63 -35.29 13.61
CA ALA D 52 -15.77 -35.49 14.51
C ALA D 52 -15.45 -35.12 15.96
N LEU D 53 -14.32 -35.64 16.48
CA LEU D 53 -13.86 -35.31 17.86
C LEU D 53 -13.75 -33.83 18.06
N VAL D 54 -13.06 -33.14 17.14
CA VAL D 54 -12.92 -31.70 17.22
C VAL D 54 -14.27 -30.97 17.14
N LEU D 55 -15.11 -31.37 16.20
CA LEU D 55 -16.44 -30.75 16.12
C LEU D 55 -17.22 -30.96 17.42
N SER D 56 -17.09 -32.14 18.01
CA SER D 56 -17.86 -32.39 19.26
C SER D 56 -17.34 -31.55 20.44
N ARG D 57 -16.03 -31.28 20.44
CA ARG D 57 -15.41 -30.37 21.42
C ARG D 57 -15.93 -28.96 21.27
N ILE D 58 -16.09 -28.50 20.03
CA ILE D 58 -16.69 -27.20 19.80
C ILE D 58 -18.10 -27.15 20.37
N ASP D 59 -18.88 -28.20 20.11
CA ASP D 59 -20.24 -28.29 20.60
C ASP D 59 -20.28 -28.19 22.13
N ALA D 60 -19.36 -28.90 22.78
CA ALA D 60 -19.28 -28.89 24.23
C ALA D 60 -18.75 -27.57 24.78
N GLY D 61 -18.32 -26.64 23.94
CA GLY D 61 -17.80 -25.39 24.40
C GLY D 61 -16.38 -25.53 24.91
N GLU D 62 -15.68 -26.60 24.52
CA GLU D 62 -14.29 -26.79 24.87
C GLU D 62 -13.34 -26.27 23.77
N GLU D 63 -13.89 -25.91 22.61
CA GLU D 63 -13.10 -25.36 21.48
C GLU D 63 -13.92 -24.27 20.75
N ASN D 64 -13.25 -23.31 20.13
CA ASN D 64 -13.90 -22.24 19.36
C ASN D 64 -13.50 -22.50 17.88
N PRO D 65 -14.46 -22.49 16.95
CA PRO D 65 -14.11 -22.86 15.57
C PRO D 65 -13.17 -21.91 14.91
N GLU D 66 -13.08 -20.68 15.44
CA GLU D 66 -12.18 -19.64 14.91
C GLU D 66 -10.83 -19.52 15.61
N ARG D 67 -10.56 -20.38 16.59
CA ARG D 67 -9.32 -20.26 17.33
C ARG D 67 -8.15 -20.52 16.39
N LYS D 68 -7.11 -19.69 16.52
CA LYS D 68 -5.90 -19.79 15.73
C LYS D 68 -4.99 -20.89 16.25
N LEU D 69 -4.67 -21.84 15.38
CA LEU D 69 -3.73 -22.86 15.72
C LEU D 69 -2.39 -22.43 15.11
N HIS D 70 -1.44 -22.06 15.97
CA HIS D 70 -0.17 -21.50 15.50
C HIS D 70 0.83 -22.58 15.14
N TYR D 71 1.65 -22.26 14.17
CA TYR D 71 2.74 -23.13 13.76
C TYR D 71 3.68 -22.30 12.91
N ASP D 72 4.84 -22.88 12.62
CA ASP D 72 5.84 -22.25 11.77
C ASP D 72 6.33 -23.28 10.77
N SER D 73 7.32 -22.89 9.97
CA SER D 73 7.84 -23.77 8.94
C SER D 73 8.29 -25.13 9.38
N ALA D 74 8.91 -25.22 10.56
CA ALA D 74 9.36 -26.50 11.10
C ALA D 74 8.22 -27.50 11.28
N PHE D 75 6.99 -26.98 11.46
CA PHE D 75 5.86 -27.85 11.68
C PHE D 75 5.31 -28.41 10.37
N LEU D 76 5.84 -27.95 9.23
CA LEU D 76 5.34 -28.42 7.95
C LEU D 76 5.69 -29.87 7.74
N GLU D 77 4.90 -30.49 6.89
CA GLU D 77 5.16 -31.86 6.45
C GLU D 77 5.38 -31.85 4.94
N GLU D 78 5.93 -32.93 4.40
CA GLU D 78 6.10 -33.05 2.98
C GLU D 78 4.77 -32.84 2.23
N TYR D 79 3.71 -33.50 2.69
CA TYR D 79 2.39 -33.31 2.06
C TYR D 79 1.55 -32.42 2.94
N ALA D 80 1.45 -31.16 2.58
CA ALA D 80 0.70 -30.19 3.39
C ALA D 80 0.39 -28.96 2.59
N PRO D 81 -0.45 -29.15 1.56
CA PRO D 81 -0.64 -28.08 0.52
C PRO D 81 -1.27 -26.85 1.06
N ALA D 82 -2.21 -27.02 2.01
CA ALA D 82 -2.87 -25.89 2.64
C ALA D 82 -1.99 -25.24 3.69
N ALA D 83 -1.34 -26.03 4.54
CA ALA D 83 -0.48 -25.39 5.56
C ALA D 83 0.69 -24.58 4.99
N LYS D 84 1.25 -25.06 3.88
CA LYS D 84 2.29 -24.31 3.15
C LYS D 84 1.80 -22.95 2.67
N ARG D 85 0.54 -22.87 2.27
CA ARG D 85 0.02 -21.60 1.85
C ARG D 85 -0.21 -20.62 2.96
N TYR D 86 -0.60 -21.12 4.13
CA TYR D 86 -0.89 -20.27 5.24
C TYR D 86 0.30 -20.00 6.20
N VAL D 87 1.42 -20.69 6.02
CA VAL D 87 2.47 -20.69 7.06
C VAL D 87 3.05 -19.28 7.31
N ALA D 88 3.10 -18.45 6.26
CA ALA D 88 3.58 -17.07 6.41
C ALA D 88 2.70 -16.31 7.36
N THR D 89 1.46 -16.71 7.57
CA THR D 89 0.57 -15.96 8.55
C THR D 89 0.73 -16.46 9.98
N GLY D 90 1.40 -17.58 10.11
CA GLY D 90 1.71 -18.18 11.43
C GLY D 90 0.59 -19.07 11.98
N TYR D 91 -0.54 -19.23 11.26
CA TYR D 91 -1.61 -20.08 11.81
C TYR D 91 -2.62 -20.52 10.79
N MET D 92 -3.38 -21.55 11.19
CA MET D 92 -4.70 -21.86 10.60
C MET D 92 -5.71 -21.96 11.75
N THR D 93 -6.93 -21.54 11.46
CA THR D 93 -8.01 -21.70 12.42
C THR D 93 -8.40 -23.15 12.55
N VAL D 94 -9.03 -23.49 13.67
CA VAL D 94 -9.62 -24.81 13.84
C VAL D 94 -10.44 -25.24 12.62
N THR D 95 -11.33 -24.36 12.19
CA THR D 95 -12.13 -24.67 11.01
C THR D 95 -11.34 -24.89 9.73
N GLU D 96 -10.35 -24.05 9.45
CA GLU D 96 -9.47 -24.26 8.27
C GLU D 96 -8.73 -25.55 8.36
N ALA D 97 -8.27 -25.93 9.59
CA ALA D 97 -7.51 -27.17 9.72
C ALA D 97 -8.41 -28.37 9.49
N ILE D 98 -9.64 -28.31 10.01
CA ILE D 98 -10.63 -29.37 9.76
C ILE D 98 -10.83 -29.52 8.25
N GLN D 99 -11.09 -28.42 7.57
CA GLN D 99 -11.39 -28.53 6.13
C GLN D 99 -10.19 -29.04 5.33
N SER D 100 -9.00 -28.58 5.66
CA SER D 100 -7.79 -28.98 4.97
C SER D 100 -7.40 -30.42 5.26
N ALA D 101 -7.56 -30.83 6.53
CA ALA D 101 -7.30 -32.22 6.88
C ALA D 101 -8.20 -33.17 6.18
N LEU D 102 -9.51 -32.82 6.01
CA LEU D 102 -10.44 -33.73 5.40
C LEU D 102 -10.34 -33.71 3.85
N GLN D 103 -10.46 -32.53 3.29
CA GLN D 103 -10.67 -32.40 1.85
C GLN D 103 -9.38 -32.51 1.04
N LEU D 104 -8.25 -32.14 1.63
CA LEU D 104 -6.94 -32.27 0.97
C LEU D 104 -6.04 -33.32 1.63
N SER D 105 -6.51 -33.92 2.74
CA SER D 105 -5.63 -34.81 3.56
C SER D 105 -4.30 -34.16 3.94
N ASP D 106 -4.33 -32.87 4.22
CA ASP D 106 -3.17 -32.10 4.59
C ASP D 106 -2.65 -32.66 5.93
N ASN D 107 -1.39 -33.08 5.94
CA ASN D 107 -0.83 -33.69 7.18
C ASN D 107 -0.54 -32.73 8.29
N ALA D 108 -0.10 -31.51 7.94
CA ALA D 108 0.25 -30.55 8.94
C ALA D 108 -1.02 -30.05 9.59
N ALA D 109 -2.09 -29.84 8.79
CA ALA D 109 -3.40 -29.55 9.38
C ALA D 109 -3.86 -30.67 10.33
N ALA D 110 -3.72 -31.92 9.90
CA ALA D 110 -4.14 -33.05 10.77
C ALA D 110 -3.36 -33.04 12.10
N ASN D 111 -2.08 -32.75 12.01
CA ASN D 111 -1.22 -32.70 13.22
C ASN D 111 -1.61 -31.57 14.12
N LEU D 112 -2.03 -30.45 13.55
CA LEU D 112 -2.58 -29.36 14.36
C LEU D 112 -3.77 -29.79 15.14
N LEU D 113 -4.63 -30.55 14.50
CA LEU D 113 -5.82 -31.05 15.21
C LEU D 113 -5.49 -32.14 16.22
N LEU D 114 -4.59 -33.05 15.87
CA LEU D 114 -4.10 -34.01 16.86
C LEU D 114 -3.61 -33.35 18.11
N LYS D 115 -2.80 -32.29 17.99
CA LYS D 115 -2.37 -31.55 19.16
C LYS D 115 -3.56 -30.93 19.91
N GLU D 116 -4.52 -30.37 19.18
CA GLU D 116 -5.74 -29.78 19.79
C GLU D 116 -6.55 -30.75 20.66
N VAL D 117 -6.65 -32.01 20.23
CA VAL D 117 -7.44 -33.01 20.95
C VAL D 117 -6.65 -33.75 22.05
N GLY D 118 -5.33 -33.63 22.09
CA GLY D 118 -4.54 -34.32 23.11
C GLY D 118 -3.81 -35.51 22.62
N GLY D 119 -3.80 -35.73 21.31
CA GLY D 119 -2.84 -36.63 20.72
C GLY D 119 -3.41 -37.95 20.37
N PRO D 120 -2.58 -38.82 19.77
CA PRO D 120 -3.07 -40.12 19.36
C PRO D 120 -3.78 -40.90 20.46
N PRO D 121 -3.31 -40.79 21.72
CA PRO D 121 -4.03 -41.55 22.73
C PRO D 121 -5.45 -41.04 23.00
N LEU D 122 -5.65 -39.74 22.91
CA LEU D 122 -6.98 -39.18 23.08
C LEU D 122 -7.94 -39.48 21.93
N LEU D 123 -7.44 -39.55 20.69
CA LEU D 123 -8.28 -40.11 19.60
C LEU D 123 -8.67 -41.59 19.80
N THR D 124 -7.71 -42.40 20.27
CA THR D 124 -8.00 -43.80 20.47
C THR D 124 -9.12 -43.92 21.52
N LYS D 125 -9.05 -43.07 22.55
CA LYS D 125 -10.06 -43.04 23.58
C LYS D 125 -11.42 -42.66 22.99
N TYR D 126 -11.44 -41.68 22.10
CA TYR D 126 -12.65 -41.30 21.40
C TYR D 126 -13.26 -42.47 20.59
N PHE D 127 -12.43 -43.22 19.83
CA PHE D 127 -12.91 -44.43 19.17
C PHE D 127 -13.58 -45.32 20.23
N ARG D 128 -12.89 -45.55 21.36
CA ARG D 128 -13.49 -46.43 22.38
C ARG D 128 -14.85 -45.89 22.88
N SER D 129 -14.97 -44.58 23.09
CA SER D 129 -16.22 -43.92 23.50
C SER D 129 -17.38 -44.17 22.54
N LEU D 130 -17.08 -44.40 21.27
CA LEU D 130 -18.09 -44.67 20.26
C LEU D 130 -18.49 -46.12 20.13
N GLY D 131 -17.76 -47.00 20.82
CA GLY D 131 -18.02 -48.42 20.79
C GLY D 131 -17.17 -49.12 19.75
N ASP D 132 -16.17 -48.43 19.22
CA ASP D 132 -15.16 -49.00 18.36
C ASP D 132 -14.02 -49.54 19.25
N LYS D 133 -13.97 -50.87 19.34
CA LYS D 133 -12.98 -51.60 20.18
C LYS D 133 -11.65 -51.87 19.46
N VAL D 134 -11.55 -51.52 18.18
CA VAL D 134 -10.41 -52.01 17.39
C VAL D 134 -9.49 -50.86 16.94
N SER D 135 -10.06 -49.87 16.27
CA SER D 135 -9.25 -48.76 15.70
C SER D 135 -8.39 -48.09 16.75
N ARG D 136 -7.12 -47.82 16.40
CA ARG D 136 -6.21 -47.14 17.32
C ARG D 136 -5.24 -46.26 16.54
N LEU D 137 -4.95 -45.11 17.10
CA LEU D 137 -3.90 -44.29 16.58
C LEU D 137 -2.78 -44.23 17.60
N ASP D 138 -1.54 -44.28 17.11
CA ASP D 138 -0.31 -44.28 17.94
C ASP D 138 0.70 -43.24 17.44
N ARG D 139 1.65 -42.90 18.30
CA ARG D 139 2.75 -42.02 17.95
C ARG D 139 3.66 -42.57 16.81
N ILE D 140 3.87 -43.89 16.76
CA ILE D 140 4.84 -44.50 15.80
C ILE D 140 4.16 -45.42 14.77
N GLU D 141 4.67 -45.44 13.54
CA GLU D 141 4.07 -46.31 12.50
C GLU D 141 4.24 -47.80 12.83
N PRO D 142 3.34 -48.66 12.32
CA PRO D 142 3.46 -50.06 12.73
C PRO D 142 4.58 -50.77 11.96
N THR D 143 4.99 -51.89 12.52
CA THR D 143 5.96 -52.76 11.87
C THR D 143 5.19 -53.88 11.14
N LEU D 144 5.92 -54.71 10.38
CA LEU D 144 5.41 -55.91 9.76
C LEU D 144 6.30 -57.06 10.24
N ASN D 145 5.66 -58.20 10.58
CA ASN D 145 6.37 -59.47 10.86
C ASN D 145 7.27 -59.44 12.09
N THR D 146 6.98 -58.56 13.06
CA THR D 146 7.63 -58.69 14.38
C THR D 146 6.84 -59.65 15.26
N ASN D 147 5.61 -59.94 14.86
CA ASN D 147 4.72 -60.81 15.64
C ASN D 147 4.50 -60.22 17.05
N THR D 148 4.33 -58.89 17.11
CA THR D 148 4.07 -58.16 18.34
C THR D 148 2.96 -57.16 18.11
N PRO D 149 2.45 -56.50 19.19
CA PRO D 149 1.49 -55.40 19.00
C PRO D 149 2.00 -54.25 18.12
N GLY D 150 3.33 -54.14 17.97
CA GLY D 150 3.93 -53.12 17.13
C GLY D 150 3.42 -53.24 15.68
N ASP D 151 3.01 -54.46 15.30
CA ASP D 151 2.49 -54.68 13.94
C ASP D 151 1.05 -54.11 13.86
N GLU D 152 0.48 -53.69 14.99
CA GLU D 152 -0.93 -53.24 15.06
C GLU D 152 -1.13 -51.74 15.31
N ARG D 153 -0.03 -51.01 15.40
CA ARG D 153 -0.13 -49.58 15.59
C ARG D 153 -0.82 -48.90 14.36
N ASP D 154 -1.56 -47.82 14.60
CA ASP D 154 -2.29 -47.16 13.54
C ASP D 154 -2.99 -48.15 12.60
N THR D 155 -3.94 -48.92 13.13
CA THR D 155 -4.71 -49.85 12.36
C THR D 155 -6.17 -49.67 12.61
N THR D 156 -6.97 -50.18 11.69
CA THR D 156 -8.41 -50.31 11.89
C THR D 156 -8.77 -51.59 11.14
N THR D 157 -10.07 -51.89 11.09
CA THR D 157 -10.57 -52.95 10.23
C THR D 157 -11.61 -52.31 9.32
N PRO D 158 -11.85 -52.93 8.17
CA PRO D 158 -12.85 -52.27 7.33
C PRO D 158 -14.22 -52.19 8.03
N MET D 159 -14.60 -53.28 8.70
CA MET D 159 -15.79 -53.28 9.53
C MET D 159 -15.80 -52.17 10.62
N SER D 160 -14.76 -52.09 11.45
CA SER D 160 -14.77 -51.15 12.55
C SER D 160 -14.88 -49.74 12.01
N MET D 161 -14.11 -49.45 10.97
CA MET D 161 -14.13 -48.09 10.46
C MET D 161 -15.49 -47.75 9.83
N ALA D 162 -16.05 -48.66 9.05
CA ALA D 162 -17.42 -48.43 8.43
C ALA D 162 -18.46 -48.24 9.53
N GLN D 163 -18.34 -49.04 10.60
CA GLN D 163 -19.29 -48.87 11.69
C GLN D 163 -19.16 -47.55 12.43
N THR D 164 -17.93 -47.13 12.66
CA THR D 164 -17.62 -45.85 13.32
C THR D 164 -18.10 -44.70 12.45
N VAL D 165 -17.84 -44.82 11.17
CA VAL D 165 -18.32 -43.76 10.27
C VAL D 165 -19.88 -43.70 10.23
N SER D 166 -20.56 -44.86 10.20
CA SER D 166 -22.02 -44.87 10.22
C SER D 166 -22.58 -44.16 11.48
N LYS D 167 -21.92 -44.37 12.62
CA LYS D 167 -22.37 -43.74 13.86
C LYS D 167 -22.27 -42.27 13.77
N LEU D 168 -21.15 -41.82 13.17
CA LEU D 168 -20.92 -40.39 13.04
C LEU D 168 -21.84 -39.68 12.05
N ILE D 169 -22.03 -40.32 10.90
CA ILE D 169 -22.78 -39.74 9.77
C ILE D 169 -24.28 -39.90 9.87
N PHE D 170 -24.71 -41.07 10.36
CA PHE D 170 -26.14 -41.46 10.36
C PHE D 170 -26.74 -41.61 11.74
N GLY D 171 -25.92 -41.75 12.78
CA GLY D 171 -26.42 -41.97 14.17
C GLY D 171 -26.49 -40.65 14.93
N ASP D 172 -26.68 -40.75 16.24
CA ASP D 172 -27.11 -39.62 17.07
C ASP D 172 -25.98 -38.92 17.80
N THR D 173 -24.74 -39.40 17.60
CA THR D 173 -23.58 -38.90 18.30
C THR D 173 -23.33 -37.39 18.27
N LEU D 174 -23.25 -36.82 17.06
CA LEU D 174 -22.94 -35.41 16.96
C LEU D 174 -24.20 -34.59 17.09
N THR D 175 -24.07 -33.34 17.45
CA THR D 175 -25.23 -32.40 17.23
C THR D 175 -25.72 -32.40 15.82
N TYR D 176 -26.94 -31.95 15.58
CA TYR D 176 -27.41 -31.94 14.24
C TYR D 176 -26.52 -31.02 13.38
N LYS D 177 -26.11 -29.90 13.98
CA LYS D 177 -25.27 -28.91 13.25
C LYS D 177 -23.95 -29.54 12.85
N SER D 178 -23.30 -30.20 13.81
CA SER D 178 -21.94 -30.80 13.53
C SER D 178 -22.00 -31.98 12.59
N LYS D 179 -23.05 -32.81 12.68
CA LYS D 179 -23.27 -33.87 11.71
C LYS D 179 -23.37 -33.33 10.28
N GLY D 180 -24.17 -32.27 10.12
CA GLY D 180 -24.28 -31.64 8.81
C GLY D 180 -22.94 -31.01 8.34
N GLN D 181 -22.17 -30.37 9.23
CA GLN D 181 -20.88 -29.76 8.83
C GLN D 181 -19.94 -30.87 8.34
N LEU D 182 -19.90 -31.99 9.10
CA LEU D 182 -19.04 -33.12 8.68
C LEU D 182 -19.47 -33.71 7.38
N ARG D 183 -20.76 -33.94 7.22
CA ARG D 183 -21.22 -34.55 5.99
C ARG D 183 -20.90 -33.68 4.76
N ARG D 184 -21.15 -32.41 4.89
CA ARG D 184 -20.88 -31.47 3.78
C ARG D 184 -19.39 -31.36 3.49
N LEU D 185 -18.56 -31.35 4.52
CA LEU D 185 -17.10 -31.39 4.26
C LEU D 185 -16.70 -32.64 3.47
N LEU D 186 -17.21 -33.81 3.88
CA LEU D 186 -16.85 -35.06 3.25
C LEU D 186 -17.37 -35.15 1.85
N ILE D 187 -18.56 -34.59 1.61
CA ILE D 187 -19.06 -34.57 0.26
C ILE D 187 -18.10 -33.79 -0.71
N GLY D 188 -17.60 -32.67 -0.21
CA GLY D 188 -16.59 -31.83 -0.81
C GLY D 188 -15.16 -32.31 -0.89
N ASN D 189 -14.86 -33.48 -0.33
CA ASN D 189 -13.54 -34.02 -0.42
C ASN D 189 -13.01 -33.87 -1.86
N GLN D 190 -11.76 -33.44 -2.00
CA GLN D 190 -11.15 -33.28 -3.31
C GLN D 190 -10.26 -34.44 -3.74
N THR D 191 -10.01 -35.38 -2.86
CA THR D 191 -9.06 -36.45 -3.16
C THR D 191 -9.68 -37.80 -3.56
N GLY D 192 -11.00 -37.89 -3.67
CA GLY D 192 -11.68 -39.17 -3.83
C GLY D 192 -12.51 -39.36 -5.07
N ASP D 193 -12.29 -38.54 -6.09
CA ASP D 193 -13.15 -38.63 -7.24
C ASP D 193 -12.89 -39.94 -8.04
N LYS D 194 -11.72 -40.54 -7.88
CA LYS D 194 -11.37 -41.69 -8.67
C LYS D 194 -11.46 -43.02 -7.88
N THR D 195 -11.87 -42.93 -6.62
CA THR D 195 -11.90 -44.11 -5.74
C THR D 195 -13.36 -44.60 -5.54
N ILE D 196 -13.90 -44.68 -4.31
CA ILE D 196 -15.20 -45.31 -4.17
C ILE D 196 -16.25 -44.61 -5.05
N ARG D 197 -16.21 -43.27 -5.08
CA ARG D 197 -17.21 -42.53 -5.88
C ARG D 197 -17.25 -42.90 -7.32
N ALA D 198 -16.12 -43.30 -7.86
CA ALA D 198 -16.06 -43.70 -9.26
C ALA D 198 -16.77 -45.01 -9.52
N GLY D 199 -17.12 -45.74 -8.47
CA GLY D 199 -17.85 -47.00 -8.66
C GLY D 199 -19.30 -46.96 -8.27
N LEU D 200 -19.83 -45.77 -8.00
CA LEU D 200 -21.20 -45.53 -7.61
C LEU D 200 -21.92 -44.60 -8.59
N PRO D 201 -23.21 -44.77 -8.71
CA PRO D 201 -23.94 -43.90 -9.60
C PRO D 201 -23.71 -42.45 -9.26
N ASP D 202 -23.53 -41.65 -10.31
CA ASP D 202 -23.29 -40.20 -10.17
C ASP D 202 -24.45 -39.48 -9.49
N SER D 203 -25.65 -40.11 -9.47
CA SER D 203 -26.85 -39.48 -8.90
C SER D 203 -26.96 -39.65 -7.40
N TRP D 204 -26.13 -40.51 -6.79
CA TRP D 204 -26.17 -40.71 -5.36
C TRP D 204 -25.33 -39.66 -4.63
N VAL D 205 -25.81 -39.20 -3.48
CA VAL D 205 -25.02 -38.40 -2.53
C VAL D 205 -23.91 -39.28 -1.94
N THR D 206 -22.67 -38.84 -2.06
CA THR D 206 -21.53 -39.56 -1.54
CA THR D 206 -21.51 -39.57 -1.54
C THR D 206 -20.52 -38.62 -0.90
N GLY D 207 -19.98 -38.99 0.24
CA GLY D 207 -18.85 -38.26 0.79
C GLY D 207 -17.81 -39.29 1.22
N ASP D 208 -16.55 -38.89 1.29
CA ASP D 208 -15.46 -39.84 1.61
C ASP D 208 -14.21 -39.24 2.21
N LYS D 209 -13.36 -40.11 2.77
CA LYS D 209 -12.05 -39.76 3.16
C LYS D 209 -11.12 -40.85 2.66
N THR D 210 -10.06 -40.46 1.96
CA THR D 210 -9.07 -41.37 1.35
C THR D 210 -7.85 -41.54 2.28
N GLY D 211 -6.98 -42.49 1.92
CA GLY D 211 -5.65 -42.54 2.45
C GLY D 211 -4.69 -43.23 1.48
N SER D 212 -3.46 -42.76 1.45
CA SER D 212 -2.34 -43.44 0.76
C SER D 212 -1.27 -43.69 1.80
N CYS D 213 -0.80 -44.94 1.85
CA CYS D 213 0.03 -45.39 2.95
C CYS D 213 1.17 -46.27 2.45
N ALA D 214 2.04 -46.68 3.40
CA ALA D 214 3.16 -47.55 3.08
C ALA D 214 2.76 -48.83 2.44
N ASN D 215 3.74 -49.46 1.76
CA ASN D 215 3.57 -50.74 1.13
C ASN D 215 2.38 -50.76 0.26
N GLY D 216 2.23 -49.66 -0.47
CA GLY D 216 1.18 -49.54 -1.51
C GLY D 216 -0.22 -49.44 -0.94
N GLY D 217 -0.35 -48.88 0.25
CA GLY D 217 -1.63 -48.75 0.91
C GLY D 217 -2.46 -47.72 0.15
N ARG D 218 -3.66 -48.10 -0.24
CA ARG D 218 -4.61 -47.14 -0.87
C ARG D 218 -6.00 -47.50 -0.38
N ASN D 219 -6.59 -46.55 0.35
CA ASN D 219 -7.79 -46.80 1.10
C ASN D 219 -8.86 -45.71 0.85
N ASP D 220 -10.08 -46.01 1.17
CA ASP D 220 -11.17 -45.04 1.10
C ASP D 220 -12.33 -45.49 1.98
N VAL D 221 -12.98 -44.53 2.62
CA VAL D 221 -14.17 -44.83 3.34
C VAL D 221 -15.17 -43.76 2.95
N ALA D 222 -16.31 -44.23 2.51
CA ALA D 222 -17.41 -43.31 2.02
C ALA D 222 -18.72 -43.56 2.66
N PHE D 223 -19.55 -42.52 2.77
CA PHE D 223 -20.95 -42.74 3.02
C PHE D 223 -21.70 -42.38 1.78
N PHE D 224 -22.85 -43.01 1.60
CA PHE D 224 -23.69 -42.70 0.44
C PHE D 224 -25.16 -42.91 0.68
N ILE D 225 -25.98 -42.22 -0.11
CA ILE D 225 -27.44 -42.29 0.01
C ILE D 225 -27.92 -42.47 -1.43
N THR D 226 -28.61 -43.57 -1.68
CA THR D 226 -29.12 -43.87 -3.01
C THR D 226 -30.29 -42.92 -3.32
N THR D 227 -30.69 -42.96 -4.59
CA THR D 227 -31.80 -42.19 -5.08
C THR D 227 -33.11 -42.70 -4.42
N ALA D 228 -33.11 -43.93 -3.94
CA ALA D 228 -34.23 -44.45 -3.13
C ALA D 228 -34.18 -44.01 -1.66
N GLY D 229 -33.19 -43.20 -1.26
CA GLY D 229 -33.06 -42.70 0.09
C GLY D 229 -32.37 -43.67 1.04
N LYS D 230 -31.78 -44.74 0.53
CA LYS D 230 -31.22 -45.75 1.45
C LYS D 230 -29.74 -45.40 1.72
N LYS D 231 -29.32 -45.60 2.99
CA LYS D 231 -28.09 -45.04 3.56
C LYS D 231 -27.08 -46.11 3.93
N TYR D 232 -25.84 -45.95 3.47
CA TYR D 232 -24.76 -46.93 3.70
C TYR D 232 -23.39 -46.31 3.98
N VAL D 233 -22.46 -47.11 4.49
CA VAL D 233 -21.09 -46.75 4.54
C VAL D 233 -20.31 -47.89 3.91
N LEU D 234 -19.34 -47.54 3.06
CA LEU D 234 -18.45 -48.53 2.41
C LEU D 234 -17.03 -48.23 2.74
N SER D 235 -16.33 -49.18 3.37
CA SER D 235 -14.90 -49.01 3.63
C SER D 235 -14.13 -49.99 2.72
N VAL D 236 -13.04 -49.52 2.10
CA VAL D 236 -12.18 -50.33 1.25
C VAL D 236 -10.77 -50.01 1.62
N TYR D 237 -10.02 -51.02 2.09
CA TYR D 237 -8.64 -50.82 2.41
C TYR D 237 -7.88 -51.76 1.49
N THR D 238 -6.82 -51.30 0.82
CA THR D 238 -6.03 -52.15 -0.10
C THR D 238 -4.51 -51.97 0.16
N ASN D 239 -3.75 -53.04 -0.14
CA ASN D 239 -2.33 -52.94 -0.30
C ASN D 239 -2.01 -53.59 -1.61
N ALA D 240 -1.53 -52.81 -2.56
CA ALA D 240 -1.30 -53.30 -3.90
C ALA D 240 0.02 -52.67 -4.40
N PRO D 241 1.14 -53.07 -3.76
CA PRO D 241 2.43 -52.47 -4.07
C PRO D 241 2.85 -52.66 -5.54
N GLU D 242 2.35 -53.67 -6.21
CA GLU D 242 2.73 -53.93 -7.57
C GLU D 242 1.94 -53.09 -8.55
N LEU D 243 0.93 -52.34 -8.07
CA LEU D 243 0.17 -51.39 -8.92
C LEU D 243 0.71 -49.96 -8.88
N GLN D 244 0.71 -49.30 -10.02
CA GLN D 244 0.97 -47.88 -10.06
C GLN D 244 -0.19 -47.13 -9.45
N GLY D 245 0.09 -45.91 -8.98
CA GLY D 245 -0.89 -44.97 -8.42
C GLY D 245 -2.30 -45.01 -8.97
N GLU D 246 -2.51 -44.59 -10.22
CA GLU D 246 -3.91 -44.56 -10.76
C GLU D 246 -4.55 -45.99 -10.88
N GLU D 247 -3.75 -47.04 -10.97
CA GLU D 247 -4.30 -48.41 -10.96
C GLU D 247 -4.89 -48.82 -9.59
N ARG D 248 -4.26 -48.34 -8.52
CA ARG D 248 -4.72 -48.53 -7.14
C ARG D 248 -6.10 -47.87 -6.96
N ALA D 249 -6.28 -46.73 -7.58
CA ALA D 249 -7.59 -46.06 -7.57
C ALA D 249 -8.60 -46.89 -8.34
N LEU D 250 -8.24 -47.36 -9.54
CA LEU D 250 -9.14 -48.21 -10.33
C LEU D 250 -9.61 -49.44 -9.55
N LEU D 251 -8.67 -50.05 -8.80
CA LEU D 251 -8.98 -51.25 -8.04
C LEU D 251 -9.98 -50.91 -6.98
N ILE D 252 -9.82 -49.80 -6.25
CA ILE D 252 -10.85 -49.39 -5.24
C ILE D 252 -12.20 -49.12 -5.91
N ALA D 253 -12.17 -48.37 -7.00
CA ALA D 253 -13.41 -48.15 -7.77
C ALA D 253 -14.11 -49.46 -8.19
N SER D 254 -13.34 -50.49 -8.59
CA SER D 254 -13.89 -51.75 -8.96
C SER D 254 -14.52 -52.49 -7.79
N VAL D 255 -13.84 -52.49 -6.65
CA VAL D 255 -14.40 -53.08 -5.44
C VAL D 255 -15.76 -52.46 -5.04
N ALA D 256 -15.82 -51.13 -5.16
CA ALA D 256 -17.03 -50.41 -4.84
C ALA D 256 -18.14 -50.80 -5.84
N LYS D 257 -17.77 -50.94 -7.11
CA LYS D 257 -18.74 -51.34 -8.11
C LYS D 257 -19.31 -52.70 -7.79
N LEU D 258 -18.45 -53.62 -7.38
CA LEU D 258 -18.93 -54.92 -6.95
C LEU D 258 -19.83 -54.86 -5.72
N ALA D 259 -19.38 -54.14 -4.69
CA ALA D 259 -20.10 -54.02 -3.44
C ALA D 259 -21.48 -53.37 -3.67
N ARG D 260 -21.56 -52.41 -4.57
CA ARG D 260 -22.79 -51.65 -4.86
C ARG D 260 -23.93 -52.57 -5.33
N GLN D 261 -23.57 -53.70 -5.93
CA GLN D 261 -24.52 -54.76 -6.37
C GLN D 261 -25.40 -55.31 -5.23
N TYR D 262 -24.95 -55.11 -3.98
CA TYR D 262 -25.60 -55.65 -2.78
C TYR D 262 -26.48 -54.60 -2.07
N VAL D 263 -26.57 -53.41 -2.64
CA VAL D 263 -27.42 -52.37 -2.10
C VAL D 263 -28.84 -52.76 -2.54
N VAL D 264 -29.74 -52.94 -1.59
CA VAL D 264 -31.16 -53.23 -1.85
C VAL D 264 -31.90 -52.08 -2.58
CL CL E . -8.84 -13.85 -15.74
CL CL F . -0.26 3.72 -0.24
C7 ID1 G . -11.73 -18.92 -15.04
C2 ID1 G . -9.31 -22.81 -14.40
C6 ID1 G . -11.49 -20.14 -15.87
C5 ID1 G . -11.03 -21.23 -14.91
C3 ID1 G . -9.08 -21.54 -13.81
O7 ID1 G . -12.62 -18.84 -14.20
C61 ID1 G . -12.78 -20.40 -16.60
O62 ID1 G . -12.70 -21.69 -17.13
C62 ID1 G . -12.95 -19.35 -17.71
N4 ID1 G . -10.04 -20.66 -14.05
C31 ID1 G . -8.13 -21.29 -12.87
O31 ID1 G . -7.80 -20.12 -12.53
O32 ID1 G . -7.49 -22.25 -12.42
S21 ID1 G . -7.84 -23.44 -15.28
C22 ID1 G . -7.91 -25.26 -15.06
C23 ID1 G . -9.20 -25.84 -15.69
N24 ID1 G . -8.95 -26.29 -17.09
C25 ID1 G . -9.84 -26.24 -18.14
N26 ID1 G . -11.08 -25.74 -18.13
C1 ID1 G . -10.33 -22.46 -15.54
CL CL H . -8.79 29.80 -1.88
C7 ID1 I . -4.00 32.75 -3.54
C2 ID1 I . -1.39 34.78 -0.24
C6 ID1 I . -3.74 34.18 -3.11
C5 ID1 I . -2.45 34.12 -2.24
C3 ID1 I . -1.97 33.48 -0.12
O7 ID1 I . -3.23 32.14 -4.33
C61 ID1 I . -3.63 35.03 -4.39
O62 ID1 I . -3.18 36.34 -4.10
C62 ID1 I . -4.96 35.12 -5.15
N4 ID1 I . -2.63 33.13 -1.21
C31 ID1 I . -1.79 32.62 0.90
O31 ID1 I . -1.03 32.86 1.86
O32 ID1 I . -2.42 31.55 0.96
S21 ID1 I . -1.79 35.80 1.27
C22 ID1 I . -0.33 36.87 0.97
C23 ID1 I . -0.38 38.00 1.96
N24 ID1 I . 0.78 38.85 1.59
C25 ID1 I . 1.97 38.86 2.23
N26 ID1 I . 2.32 38.07 3.25
C1 ID1 I . -2.09 35.39 -1.47
C1 MRD J . -17.94 33.52 -4.21
C2 MRD J . -19.34 34.04 -4.41
O2 MRD J . -19.95 34.32 -3.15
CM MRD J . -19.28 35.36 -5.18
C3 MRD J . -20.04 32.90 -5.11
C4 MRD J . -21.54 32.93 -5.17
O4 MRD J . -22.10 32.87 -3.86
C5 MRD J . -22.11 31.73 -5.93
CL CL K . 26.51 34.08 10.20
C7 ID1 L . 21.80 31.19 12.01
C2 ID1 L . 17.73 33.35 11.68
C6 ID1 L . 20.81 31.80 13.05
C5 ID1 L . 19.50 31.93 12.34
C3 ID1 L . 18.66 33.21 10.63
O7 ID1 L . 21.69 30.08 11.54
C61 ID1 L . 20.79 30.85 14.26
O62 ID1 L . 19.64 31.20 15.07
C62 ID1 L . 22.03 31.04 15.11
N4 ID1 L . 19.72 32.48 11.00
C31 ID1 L . 18.58 33.85 9.44
O31 ID1 L . 19.56 34.00 8.73
O32 ID1 L . 17.52 34.25 8.95
S21 ID1 L . 17.21 35.13 12.04
C22 ID1 L . 15.70 34.76 12.97
C23 ID1 L . 14.60 35.17 12.00
N24 ID1 L . 13.35 34.91 12.73
C25 ID1 L . 12.13 34.81 12.14
N26 ID1 L . 11.92 34.87 10.84
C1 ID1 L . 18.54 33.00 12.92
CL CL M . -6.02 -44.69 5.57
C7 ID1 N . -3.00 -39.74 4.90
C2 ID1 N . -2.37 -38.19 0.57
C6 ID1 N . -1.81 -39.69 3.93
C5 ID1 N . -2.21 -38.66 2.87
C3 ID1 N . -3.61 -38.65 1.06
O7 ID1 N . -3.25 -38.80 5.64
C61 ID1 N . -0.58 -39.26 4.72
O62 ID1 N . 0.44 -38.82 3.84
C62 ID1 N . 0.08 -40.40 5.52
N4 ID1 N . -3.54 -38.99 2.35
C31 ID1 N . -4.75 -38.79 0.38
O31 ID1 N . -4.86 -38.26 -0.75
O32 ID1 N . -5.74 -39.37 0.87
S21 ID1 N . -1.90 -39.00 -1.05
C22 ID1 N . -0.86 -37.57 -1.46
C23 ID1 N . 0.27 -37.94 -2.35
N24 ID1 N . 0.95 -36.62 -2.54
C25 ID1 N . 0.59 -35.65 -3.46
N26 ID1 N . -0.43 -35.73 -4.32
C1 ID1 N . -1.33 -38.62 1.64
#